data_6H3U
#
_entry.id   6H3U
#
_cell.length_a   175.842
_cell.length_b   175.842
_cell.length_c   153.684
_cell.angle_alpha   90.000
_cell.angle_beta   90.000
_cell.angle_gamma   120.000
#
_symmetry.space_group_name_H-M   'P 31 2 1'
#
loop_
_entity.id
_entity.type
_entity.pdbx_description
1 polymer 'scFv 4B6 VH'
2 polymer 'scFv 4B6 VL'
3 polymer 'Envelopment polyprotein'
4 branched alpha-D-mannopyranose-(1-3)-[alpha-D-mannopyranose-(1-6)]alpha-D-mannopyranose-(1-6)-[alpha-D-mannopyranose-(1-3)]beta-D-mannopyranose-(1-4)-2-acetamido-2-deoxy-beta-D-glucopyranose-(1-4)-2-acetamido-2-deoxy-beta-D-glucopyranose
5 branched 2-acetamido-2-deoxy-beta-D-glucopyranose-(1-4)-[alpha-L-fucopyranose-(1-6)]2-acetamido-2-deoxy-beta-D-glucopyranose
#
loop_
_entity_poly.entity_id
_entity_poly.type
_entity_poly.pdbx_seq_one_letter_code
_entity_poly.pdbx_strand_id
1 'polypeptide(L)'
;QMQLQESGPGLVKPSQSLSLTCTVTGYSITSDSAWNWIRQFPGNKLEWMGYISYSGSTSYNPSLKSRISITRDTSKNQFF
LQLNSVTTEDTATYYCTRWGDGYYLYWYFDVWGAGTTVTVSSGGGGSGGGGSGGGGSGGGGG
;
H,I
2 'polypeptide(L)'
;DIQMTQTTSSLSASLGDRVTISCSASQGISYYLNWYQQKPDGTVKLLIYYTSSLHSGVPSRFSGSGSGTDYSLTISNLEP
EDIATYYCQQYSKLPWTFGGGTKLEIKGGWSHPQFEK
;
L,M
3 'polypeptide(L)'
;QETSINCKNIQSTQLTIEHLSKCMAFYQNKTSSPVVINEIISDASVDEQELIKSLNLNCNVIDRFISESSVIETQVYYEY
IKSQLCPLQVHDIFTINSASNIQWKALARSFTLGVCNTNPHKHICRCLESMQMCTSTKTDHAREMSIYYDGHPDRFEHDM
KIILNIMRYIVPGLGRVLLDQIKQTKDYQALRHIQGKLSPKSQSNLQLKGFLEFVDFILGANVTIEKTPQTLTTLSLIGG
WSHPQFEK
;
A,B
#
# COMPACT_ATOMS: atom_id res chain seq x y z
N GLN A 1 22.58 33.41 20.24
CA GLN A 1 22.53 34.77 20.73
C GLN A 1 22.16 35.72 19.58
N MET A 2 21.84 35.12 18.44
CA MET A 2 21.41 35.88 17.27
C MET A 2 20.01 36.46 17.48
N GLN A 3 19.69 37.48 16.68
CA GLN A 3 18.37 38.06 16.66
C GLN A 3 18.09 38.61 15.27
N LEU A 4 16.81 38.62 14.88
CA LEU A 4 16.40 39.05 13.56
C LEU A 4 15.36 40.16 13.69
N GLN A 5 15.37 41.07 12.71
CA GLN A 5 14.32 42.07 12.65
C GLN A 5 13.86 42.25 11.20
N GLU A 6 12.60 42.65 11.06
CA GLU A 6 12.01 42.93 9.76
C GLU A 6 11.84 44.44 9.64
N SER A 7 12.32 45.00 8.53
CA SER A 7 12.20 46.41 8.25
C SER A 7 11.42 46.58 6.96
N GLY A 8 10.29 47.29 7.04
CA GLY A 8 9.36 47.37 5.95
C GLY A 8 8.44 48.59 6.00
N PRO A 9 7.88 48.94 4.84
CA PRO A 9 6.89 50.01 4.79
C PRO A 9 5.61 49.65 5.55
N GLY A 10 4.86 50.69 5.90
CA GLY A 10 3.62 50.48 6.62
C GLY A 10 2.56 49.77 5.80
N LEU A 11 2.31 50.27 4.58
CA LEU A 11 1.33 49.64 3.71
C LEU A 11 1.60 50.00 2.25
N VAL A 12 1.11 49.16 1.36
CA VAL A 12 1.05 49.44 -0.07
C VAL A 12 -0.33 49.00 -0.57
N LYS A 13 -1.00 49.87 -1.31
CA LYS A 13 -2.29 49.52 -1.89
C LYS A 13 -2.04 48.69 -3.15
N PRO A 14 -3.09 48.01 -3.69
CA PRO A 14 -2.83 46.85 -4.56
C PRO A 14 -2.04 47.14 -5.84
N SER A 15 -1.78 46.07 -6.60
CA SER A 15 -1.07 46.12 -7.87
C SER A 15 0.40 46.52 -7.72
N GLN A 16 0.97 46.40 -6.53
CA GLN A 16 2.34 46.82 -6.29
C GLN A 16 3.09 45.75 -5.50
N SER A 17 4.42 45.89 -5.46
CA SER A 17 5.24 44.96 -4.71
C SER A 17 5.31 45.37 -3.24
N LEU A 18 5.39 44.38 -2.37
CA LEU A 18 5.72 44.60 -0.97
C LEU A 18 7.07 43.94 -0.70
N SER A 19 8.03 44.72 -0.22
CA SER A 19 9.36 44.21 0.07
C SER A 19 9.69 44.45 1.53
N LEU A 20 10.34 43.47 2.15
CA LEU A 20 10.77 43.57 3.53
C LEU A 20 12.20 43.08 3.63
N THR A 21 12.93 43.63 4.60
CA THR A 21 14.34 43.29 4.79
C THR A 21 14.49 42.65 6.16
N CYS A 22 14.85 41.38 6.19
CA CYS A 22 15.19 40.70 7.43
C CYS A 22 16.69 40.87 7.67
N THR A 23 17.03 41.57 8.75
CA THR A 23 18.40 41.75 9.19
C THR A 23 18.67 40.71 10.27
N VAL A 24 19.73 39.91 10.06
CA VAL A 24 20.13 38.87 11.00
C VAL A 24 21.42 39.33 11.67
N THR A 25 21.38 39.42 12.99
CA THR A 25 22.47 39.95 13.80
C THR A 25 22.99 38.83 14.70
N GLY A 26 24.30 38.56 14.62
CA GLY A 26 24.91 37.53 15.43
C GLY A 26 25.04 36.18 14.77
N TYR A 27 24.77 36.08 13.48
CA TYR A 27 24.86 34.81 12.78
C TYR A 27 25.25 35.07 11.33
N SER A 28 25.76 34.02 10.68
CA SER A 28 26.14 34.07 9.28
C SER A 28 25.16 33.22 8.49
N ILE A 29 24.42 33.86 7.58
CA ILE A 29 23.46 33.13 6.75
C ILE A 29 24.20 32.16 5.83
N THR A 30 25.44 32.48 5.46
CA THR A 30 26.22 31.57 4.63
C THR A 30 26.53 30.27 5.37
N SER A 31 26.77 30.35 6.68
CA SER A 31 27.32 29.22 7.41
C SER A 31 26.36 28.03 7.45
N ASP A 32 25.12 28.25 7.83
CA ASP A 32 24.17 27.15 7.91
C ASP A 32 22.75 27.68 8.04
N SER A 33 21.83 26.71 8.01
CA SER A 33 20.37 26.68 8.12
C SER A 33 19.64 27.27 6.91
N ALA A 34 18.35 27.55 7.11
CA ALA A 34 17.44 28.06 6.09
C ALA A 34 16.74 29.29 6.62
N TRP A 35 16.65 30.33 5.81
CA TRP A 35 16.06 31.58 6.26
C TRP A 35 14.69 31.77 5.62
N ASN A 36 13.68 31.99 6.45
CA ASN A 36 12.29 31.85 6.04
C ASN A 36 11.54 33.15 6.24
N TRP A 37 10.48 33.33 5.45
CA TRP A 37 9.47 34.35 5.69
C TRP A 37 8.15 33.66 5.96
N ILE A 38 7.49 34.04 7.05
CA ILE A 38 6.23 33.39 7.46
C ILE A 38 5.25 34.47 7.85
N ARG A 39 4.12 34.55 7.13
CA ARG A 39 3.11 35.57 7.38
C ARG A 39 1.89 34.98 8.08
N GLN A 40 1.38 35.74 9.05
CA GLN A 40 0.17 35.43 9.80
C GLN A 40 -0.93 36.35 9.32
N PHE A 41 -1.98 35.78 8.74
CA PHE A 41 -3.13 36.52 8.28
C PHE A 41 -4.00 36.94 9.46
N PRO A 42 -4.83 37.96 9.27
CA PRO A 42 -5.81 38.30 10.31
C PRO A 42 -6.69 37.10 10.62
N GLY A 43 -7.07 36.98 11.89
CA GLY A 43 -7.69 35.76 12.35
C GLY A 43 -6.72 34.68 12.79
N ASN A 44 -5.43 35.00 12.88
CA ASN A 44 -4.40 34.12 13.44
C ASN A 44 -4.15 32.87 12.58
N LYS A 45 -4.29 33.00 11.25
CA LYS A 45 -3.96 31.93 10.33
C LYS A 45 -2.52 32.09 9.84
N LEU A 46 -1.70 31.06 10.05
CA LEU A 46 -0.29 31.10 9.68
C LEU A 46 -0.07 30.44 8.33
N GLU A 47 0.83 31.01 7.53
CA GLU A 47 1.17 30.47 6.23
C GLU A 47 2.67 30.58 6.00
N TRP A 48 3.31 29.48 5.61
CA TRP A 48 4.73 29.50 5.28
C TRP A 48 4.91 30.00 3.84
N MET A 49 5.60 31.13 3.69
CA MET A 49 5.76 31.73 2.37
C MET A 49 6.89 31.09 1.58
N GLY A 50 8.03 30.88 2.21
CA GLY A 50 9.18 30.33 1.51
C GLY A 50 10.47 30.63 2.25
N TYR A 51 11.55 30.05 1.74
CA TYR A 51 12.86 30.19 2.35
C TYR A 51 13.95 30.26 1.29
N ILE A 52 15.08 30.83 1.70
CA ILE A 52 16.34 30.73 0.98
C ILE A 52 17.34 30.02 1.89
N SER A 53 18.07 29.05 1.33
CA SER A 53 18.94 28.21 2.13
C SER A 53 20.22 28.95 2.49
N TYR A 54 21.11 28.27 3.20
CA TYR A 54 22.41 28.86 3.51
C TYR A 54 23.28 28.98 2.26
N SER A 55 23.07 28.09 1.29
CA SER A 55 23.86 28.11 0.06
C SER A 55 23.20 28.89 -1.05
N GLY A 56 22.00 29.43 -0.82
CA GLY A 56 21.29 30.20 -1.82
C GLY A 56 20.16 29.48 -2.53
N SER A 57 19.86 28.24 -2.16
CA SER A 57 18.71 27.55 -2.73
C SER A 57 17.42 28.21 -2.26
N THR A 58 16.41 28.20 -3.12
CA THR A 58 15.13 28.85 -2.86
C THR A 58 13.99 27.83 -2.95
N SER A 59 13.07 27.90 -2.00
CA SER A 59 11.87 27.08 -2.04
C SER A 59 10.67 27.91 -1.63
N TYR A 60 9.65 27.93 -2.47
CA TYR A 60 8.47 28.76 -2.26
C TYR A 60 7.21 27.89 -2.16
N ASN A 61 6.27 28.34 -1.34
CA ASN A 61 4.94 27.75 -1.31
C ASN A 61 4.33 27.85 -2.71
N PRO A 62 3.89 26.73 -3.29
CA PRO A 62 3.33 26.79 -4.66
C PRO A 62 2.14 27.72 -4.83
N SER A 63 1.44 28.06 -3.74
CA SER A 63 0.35 29.02 -3.83
C SER A 63 0.86 30.38 -4.31
N LEU A 64 2.00 30.83 -3.80
CA LEU A 64 2.59 32.12 -4.13
C LEU A 64 3.65 32.04 -5.20
N LYS A 65 3.91 30.85 -5.76
CA LYS A 65 5.16 30.59 -6.47
C LYS A 65 5.41 31.56 -7.62
N SER A 66 4.36 32.12 -8.20
CA SER A 66 4.54 33.00 -9.36
C SER A 66 5.17 34.33 -8.95
N ARG A 67 4.55 35.03 -8.00
CA ARG A 67 4.91 36.40 -7.68
C ARG A 67 5.90 36.55 -6.52
N ILE A 68 6.24 35.48 -5.81
CA ILE A 68 7.10 35.58 -4.64
C ILE A 68 8.56 35.48 -5.06
N SER A 69 9.41 36.27 -4.43
CA SER A 69 10.85 36.22 -4.65
C SER A 69 11.56 36.46 -3.33
N ILE A 70 12.62 35.68 -3.09
CA ILE A 70 13.41 35.80 -1.87
C ILE A 70 14.87 35.92 -2.25
N THR A 71 15.48 37.07 -1.95
CA THR A 71 16.89 37.28 -2.24
C THR A 71 17.67 37.39 -0.92
N ARG A 72 18.97 37.63 -1.05
CA ARG A 72 19.81 37.82 0.12
C ARG A 72 21.00 38.68 -0.26
N ASP A 73 21.54 39.38 0.74
CA ASP A 73 22.82 40.08 0.62
C ASP A 73 23.78 39.51 1.65
N THR A 74 24.80 38.80 1.16
CA THR A 74 25.83 38.26 2.04
C THR A 74 26.67 39.35 2.69
N SER A 75 26.84 40.48 2.01
CA SER A 75 27.66 41.58 2.51
C SER A 75 27.14 42.09 3.86
N LYS A 76 25.94 42.67 3.87
CA LYS A 76 25.36 43.15 5.12
C LYS A 76 24.64 42.06 5.89
N ASN A 77 24.68 40.82 5.41
CA ASN A 77 24.09 39.68 6.12
C ASN A 77 22.60 39.90 6.34
N GLN A 78 21.89 40.12 5.23
CA GLN A 78 20.44 40.31 5.24
C GLN A 78 19.80 39.38 4.22
N PHE A 79 18.48 39.21 4.32
CA PHE A 79 17.76 38.56 3.24
C PHE A 79 16.38 39.20 3.11
N PHE A 80 15.90 39.29 1.86
CA PHE A 80 14.80 40.16 1.50
C PHE A 80 13.65 39.35 0.91
N LEU A 81 12.42 39.72 1.30
CA LEU A 81 11.21 39.17 0.71
C LEU A 81 10.57 40.21 -0.20
N GLN A 82 10.16 39.77 -1.39
CA GLN A 82 9.39 40.58 -2.31
C GLN A 82 8.16 39.78 -2.74
N LEU A 83 6.98 40.23 -2.34
CA LEU A 83 5.72 39.64 -2.77
C LEU A 83 5.05 40.64 -3.70
N ASN A 84 4.96 40.28 -4.97
CA ASN A 84 4.49 41.21 -5.99
C ASN A 84 2.98 41.09 -6.18
N SER A 85 2.45 41.99 -7.02
CA SER A 85 1.03 42.00 -7.40
C SER A 85 0.12 41.83 -6.18
N VAL A 86 0.34 42.67 -5.16
CA VAL A 86 -0.35 42.49 -3.89
C VAL A 86 -1.85 42.70 -4.07
N THR A 87 -2.61 42.09 -3.17
CA THR A 87 -4.05 42.20 -3.11
C THR A 87 -4.46 42.42 -1.66
N THR A 88 -5.74 42.71 -1.44
CA THR A 88 -6.22 42.88 -0.08
C THR A 88 -6.10 41.60 0.74
N GLU A 89 -5.92 40.45 0.09
CA GLU A 89 -5.69 39.21 0.84
C GLU A 89 -4.29 39.18 1.44
N ASP A 90 -3.32 39.83 0.80
CA ASP A 90 -1.94 39.77 1.28
C ASP A 90 -1.71 40.58 2.54
N THR A 91 -2.70 41.36 2.98
CA THR A 91 -2.56 42.12 4.22
C THR A 91 -2.36 41.18 5.40
N ALA A 92 -1.29 41.43 6.17
CA ALA A 92 -0.93 40.48 7.23
C ALA A 92 0.26 40.94 8.06
N THR A 93 0.59 40.16 9.09
CA THR A 93 1.81 40.35 9.87
C THR A 93 2.88 39.41 9.33
N TYR A 94 3.98 39.97 8.85
CA TYR A 94 5.02 39.20 8.19
C TYR A 94 6.21 39.05 9.14
N TYR A 95 6.57 37.80 9.43
CA TYR A 95 7.76 37.48 10.18
C TYR A 95 8.87 36.95 9.26
N CYS A 96 10.06 36.82 9.85
CA CYS A 96 11.19 36.15 9.21
C CYS A 96 11.90 35.33 10.29
N THR A 97 12.11 34.05 10.00
CA THR A 97 12.59 33.10 11.00
C THR A 97 13.74 32.29 10.44
N ARG A 98 14.29 31.41 11.27
CA ARG A 98 15.36 30.50 10.88
C ARG A 98 14.90 29.07 11.09
N TRP A 99 14.79 28.33 9.99
CA TRP A 99 14.57 26.89 10.01
C TRP A 99 15.92 26.19 10.03
N GLY A 100 16.21 25.47 11.11
CA GLY A 100 17.50 24.80 11.19
C GLY A 100 17.58 23.59 10.27
N ASP A 101 18.65 23.52 9.49
CA ASP A 101 19.01 22.27 8.84
C ASP A 101 19.72 21.37 9.84
N GLY A 102 19.60 20.07 9.64
CA GLY A 102 19.93 19.12 10.70
C GLY A 102 21.39 19.09 11.10
N TYR A 103 22.21 19.96 10.53
CA TYR A 103 23.66 19.88 10.75
C TYR A 103 24.08 20.46 12.09
N TYR A 104 23.95 21.79 12.25
CA TYR A 104 24.30 22.42 13.52
C TYR A 104 23.20 22.40 14.58
N LEU A 105 21.93 22.41 14.17
CA LEU A 105 20.82 22.31 15.12
C LEU A 105 19.62 21.73 14.40
N TYR A 106 18.70 21.17 15.18
CA TYR A 106 17.69 20.27 14.61
C TYR A 106 16.69 21.06 13.77
N TRP A 107 15.74 20.33 13.19
CA TRP A 107 14.77 20.92 12.28
C TRP A 107 13.62 21.51 13.08
N TYR A 108 13.47 22.83 13.02
CA TYR A 108 12.43 23.61 13.68
C TYR A 108 12.71 25.08 13.34
N PHE A 109 11.78 25.94 13.73
CA PHE A 109 11.97 27.38 13.62
C PHE A 109 12.46 27.89 14.97
N ASP A 110 13.71 28.36 15.00
CA ASP A 110 14.41 28.66 16.24
C ASP A 110 14.19 30.10 16.68
N VAL A 111 14.67 31.06 15.90
CA VAL A 111 14.60 32.47 16.26
C VAL A 111 13.60 33.16 15.34
N TRP A 112 12.71 33.95 15.93
CA TRP A 112 11.63 34.62 15.23
C TRP A 112 11.73 36.12 15.44
N GLY A 113 11.40 36.87 14.40
CA GLY A 113 11.29 38.31 14.54
C GLY A 113 10.02 38.69 15.26
N ALA A 114 9.93 39.98 15.60
CA ALA A 114 8.71 40.49 16.23
C ALA A 114 7.58 40.62 15.22
N GLY A 115 7.91 40.73 13.95
CA GLY A 115 6.93 40.82 12.89
C GLY A 115 6.63 42.26 12.51
N THR A 116 6.31 42.47 11.24
CA THR A 116 5.88 43.78 10.78
C THR A 116 4.58 43.63 10.03
N THR A 117 3.58 44.40 10.43
CA THR A 117 2.25 44.32 9.82
C THR A 117 2.21 45.23 8.61
N VAL A 118 2.03 44.64 7.43
CA VAL A 118 1.94 45.40 6.19
C VAL A 118 0.54 45.16 5.61
N THR A 119 -0.05 46.22 5.10
CA THR A 119 -1.46 46.29 4.78
C THR A 119 -1.65 46.67 3.31
N VAL A 120 -2.83 46.33 2.78
CA VAL A 120 -3.20 46.65 1.41
C VAL A 120 -4.56 47.32 1.41
N SER A 121 -4.67 48.44 0.68
CA SER A 121 -5.92 49.16 0.48
C SER A 121 -6.64 49.47 1.79
N ASP B 1 -0.63 21.87 1.03
CA ASP B 1 -0.73 20.47 0.63
C ASP B 1 -1.27 19.62 1.79
N ILE B 2 -0.43 19.41 2.80
CA ILE B 2 -0.81 18.62 3.96
C ILE B 2 -1.54 19.54 4.93
N GLN B 3 -2.81 19.24 5.20
CA GLN B 3 -3.66 20.14 5.97
C GLN B 3 -3.64 19.73 7.43
N MET B 4 -3.25 20.67 8.29
CA MET B 4 -3.21 20.46 9.73
C MET B 4 -4.44 21.11 10.36
N THR B 5 -5.13 20.36 11.21
CA THR B 5 -6.40 20.81 11.79
C THR B 5 -6.28 20.81 13.31
N GLN B 6 -6.54 21.96 13.92
CA GLN B 6 -6.68 22.06 15.37
C GLN B 6 -8.16 22.09 15.68
N THR B 7 -8.65 21.01 16.30
CA THR B 7 -10.09 20.85 16.50
C THR B 7 -10.68 21.97 17.34
N THR B 8 -9.93 22.44 18.33
CA THR B 8 -10.37 23.50 19.23
C THR B 8 -9.78 24.83 18.79
N SER B 9 -10.64 25.77 18.40
CA SER B 9 -10.17 27.07 17.96
C SER B 9 -9.78 27.97 19.14
N SER B 10 -10.55 27.92 20.23
CA SER B 10 -10.27 28.73 21.40
C SER B 10 -10.67 27.97 22.65
N LEU B 11 -9.93 28.20 23.74
CA LEU B 11 -10.13 27.45 24.98
C LEU B 11 -9.91 28.35 26.18
N SER B 12 -10.72 28.16 27.21
CA SER B 12 -10.59 28.85 28.48
C SER B 12 -10.39 27.84 29.59
N ALA B 13 -9.50 28.18 30.53
CA ALA B 13 -9.26 27.32 31.68
C ALA B 13 -8.73 28.18 32.82
N SER B 14 -8.90 27.68 34.04
CA SER B 14 -8.42 28.40 35.21
C SER B 14 -6.90 28.26 35.31
N LEU B 15 -6.31 29.11 36.14
CA LEU B 15 -4.88 28.97 36.41
C LEU B 15 -4.63 27.72 37.24
N GLY B 16 -3.43 27.18 37.12
CA GLY B 16 -3.08 25.96 37.82
C GLY B 16 -3.72 24.70 37.30
N ASP B 17 -4.52 24.78 36.23
CA ASP B 17 -5.15 23.60 35.67
C ASP B 17 -4.20 22.91 34.70
N ARG B 18 -4.63 21.78 34.14
CA ARG B 18 -3.83 21.01 33.19
C ARG B 18 -4.53 21.05 31.85
N VAL B 19 -3.91 21.71 30.88
CA VAL B 19 -4.52 22.01 29.59
C VAL B 19 -3.89 21.11 28.53
N THR B 20 -4.71 20.64 27.59
CA THR B 20 -4.25 19.77 26.51
C THR B 20 -4.82 20.28 25.19
N ILE B 21 -3.94 20.39 24.19
CA ILE B 21 -4.28 20.94 22.89
C ILE B 21 -3.98 19.87 21.84
N SER B 22 -4.94 19.64 20.94
CA SER B 22 -4.89 18.56 19.98
C SER B 22 -4.59 19.08 18.59
N CYS B 23 -3.75 18.35 17.86
CA CYS B 23 -3.35 18.68 16.50
C CYS B 23 -3.53 17.44 15.63
N SER B 24 -4.32 17.57 14.58
CA SER B 24 -4.60 16.47 13.66
C SER B 24 -3.99 16.77 12.30
N ALA B 25 -3.64 15.70 11.59
CA ALA B 25 -2.95 15.79 10.32
C ALA B 25 -3.79 15.13 9.23
N SER B 26 -3.68 15.66 8.00
CA SER B 26 -4.41 15.08 6.89
C SER B 26 -3.88 13.69 6.53
N GLN B 27 -2.55 13.51 6.60
CA GLN B 27 -1.92 12.23 6.34
C GLN B 27 -0.89 11.95 7.43
N GLY B 28 -0.25 10.78 7.33
CA GLY B 28 0.78 10.43 8.30
C GLY B 28 1.99 11.32 8.15
N ILE B 29 2.39 12.00 9.24
CA ILE B 29 3.55 12.88 9.21
C ILE B 29 4.84 12.16 9.55
N SER B 30 4.77 10.94 10.10
CA SER B 30 5.94 10.20 10.55
C SER B 30 6.77 11.02 11.53
N TYR B 31 6.10 11.52 12.57
CA TYR B 31 6.70 12.12 13.77
C TYR B 31 7.28 13.52 13.55
N TYR B 32 7.23 14.09 12.35
CA TYR B 32 7.86 15.40 12.13
C TYR B 32 6.83 16.45 12.49
N LEU B 33 6.99 17.06 13.66
CA LEU B 33 6.03 18.06 14.09
C LEU B 33 6.66 18.99 15.11
N ASN B 34 6.22 20.24 15.08
CA ASN B 34 6.71 21.27 15.98
C ASN B 34 5.54 22.00 16.61
N TRP B 35 5.78 22.57 17.79
CA TRP B 35 4.81 23.30 18.57
C TRP B 35 5.38 24.67 18.91
N TYR B 36 4.62 25.73 18.59
CA TYR B 36 5.04 27.11 18.78
C TYR B 36 4.00 27.86 19.62
N GLN B 37 4.49 28.83 20.38
CA GLN B 37 3.68 29.71 21.21
C GLN B 37 3.82 31.15 20.73
N GLN B 38 2.72 31.73 20.27
CA GLN B 38 2.66 33.16 19.96
C GLN B 38 1.93 33.86 21.11
N LYS B 39 2.67 34.68 21.86
CA LYS B 39 2.11 35.40 22.99
C LYS B 39 1.22 36.53 22.49
N PRO B 40 0.52 37.28 23.37
CA PRO B 40 -0.32 38.38 22.85
C PRO B 40 0.47 39.46 22.13
N ASP B 41 1.62 39.85 22.66
CA ASP B 41 2.42 40.90 22.03
C ASP B 41 2.97 40.49 20.67
N GLY B 42 2.89 39.21 20.32
CA GLY B 42 3.28 38.74 19.02
C GLY B 42 4.60 37.98 18.96
N THR B 43 5.37 37.96 20.05
CA THR B 43 6.60 37.19 20.06
C THR B 43 6.28 35.71 19.97
N VAL B 44 6.91 35.03 19.00
CA VAL B 44 6.71 33.60 18.78
C VAL B 44 8.02 32.89 19.09
N LYS B 45 7.96 31.91 19.98
CA LYS B 45 9.11 31.15 20.43
C LYS B 45 8.78 29.66 20.36
N LEU B 46 9.75 28.87 19.89
CA LEU B 46 9.57 27.44 19.75
C LEU B 46 9.34 26.77 21.10
N LEU B 47 8.27 25.97 21.19
CA LEU B 47 7.99 25.17 22.38
C LEU B 47 8.56 23.77 22.25
N ILE B 48 8.08 23.00 21.27
CA ILE B 48 8.38 21.58 21.18
C ILE B 48 8.85 21.28 19.77
N TYR B 49 9.86 20.44 19.64
CA TYR B 49 10.35 20.03 18.33
C TYR B 49 10.47 18.51 18.30
N TYR B 50 10.24 17.93 17.12
CA TYR B 50 10.32 16.49 16.91
C TYR B 50 9.32 15.71 17.77
N THR B 51 8.27 16.41 18.20
CA THR B 51 7.04 15.90 18.82
C THR B 51 7.20 15.40 20.25
N SER B 52 8.33 14.78 20.57
CA SER B 52 8.65 14.46 21.95
C SER B 52 9.48 15.54 22.61
N SER B 53 10.48 16.04 21.89
CA SER B 53 11.57 16.78 22.47
C SER B 53 11.20 18.22 22.79
N LEU B 54 11.68 18.70 23.93
CA LEU B 54 11.39 20.04 24.41
C LEU B 54 12.60 20.93 24.17
N HIS B 55 12.36 22.10 23.58
CA HIS B 55 13.45 23.00 23.19
C HIS B 55 14.20 23.50 24.42
N SER B 56 15.45 23.90 24.19
CA SER B 56 16.30 24.40 25.27
C SER B 56 15.76 25.73 25.78
N GLY B 57 15.50 25.80 27.07
CA GLY B 57 14.96 26.98 27.69
C GLY B 57 13.47 26.94 27.95
N VAL B 58 12.75 26.08 27.25
CA VAL B 58 11.30 25.95 27.44
C VAL B 58 11.03 25.32 28.80
N PRO B 59 10.06 25.82 29.58
CA PRO B 59 9.84 25.30 30.93
C PRO B 59 9.42 23.83 30.93
N SER B 60 9.68 23.17 32.06
CA SER B 60 9.39 21.75 32.24
C SER B 60 7.89 21.43 32.25
N ARG B 61 7.03 22.45 32.26
CA ARG B 61 5.59 22.19 32.30
C ARG B 61 5.05 21.69 30.97
N PHE B 62 5.73 21.99 29.87
CA PHE B 62 5.24 21.62 28.54
C PHE B 62 5.73 20.23 28.18
N SER B 63 4.83 19.41 27.64
CA SER B 63 5.19 18.08 27.18
C SER B 63 4.47 17.77 25.88
N GLY B 64 5.23 17.35 24.87
CA GLY B 64 4.64 16.93 23.62
C GLY B 64 4.42 15.43 23.56
N SER B 65 3.49 15.03 22.71
CA SER B 65 3.15 13.61 22.58
C SER B 65 2.39 13.41 21.28
N GLY B 66 2.03 12.17 21.01
CA GLY B 66 1.34 11.78 19.80
C GLY B 66 2.24 11.04 18.83
N SER B 67 1.59 10.44 17.84
CA SER B 67 2.26 9.71 16.78
C SER B 67 1.37 9.68 15.56
N GLY B 68 1.94 9.26 14.44
CA GLY B 68 1.15 9.07 13.24
C GLY B 68 0.54 10.37 12.76
N THR B 69 -0.78 10.39 12.68
CA THR B 69 -1.52 11.57 12.27
C THR B 69 -2.05 12.41 13.44
N ASP B 70 -1.86 11.97 14.68
CA ASP B 70 -2.47 12.61 15.84
C ASP B 70 -1.40 13.05 16.83
N TYR B 71 -1.46 14.30 17.28
CA TYR B 71 -0.43 14.85 18.14
C TYR B 71 -1.06 15.72 19.22
N SER B 72 -0.39 15.81 20.37
CA SER B 72 -0.92 16.53 21.52
C SER B 72 0.16 17.35 22.21
N LEU B 73 -0.21 18.54 22.66
CA LEU B 73 0.61 19.38 23.52
C LEU B 73 -0.06 19.49 24.88
N THR B 74 0.73 19.33 25.95
CA THR B 74 0.17 19.28 27.29
C THR B 74 0.91 20.25 28.20
N ILE B 75 0.17 21.23 28.72
CA ILE B 75 0.65 22.14 29.76
C ILE B 75 0.18 21.59 31.10
N SER B 76 1.14 21.19 31.94
CA SER B 76 0.80 20.42 33.14
C SER B 76 0.09 21.28 34.18
N ASN B 77 0.67 22.41 34.55
CA ASN B 77 -0.01 23.38 35.40
C ASN B 77 0.05 24.73 34.71
N LEU B 78 -1.10 25.38 34.57
CA LEU B 78 -1.22 26.59 33.77
C LEU B 78 -0.86 27.81 34.60
N GLU B 79 0.14 28.56 34.14
CA GLU B 79 0.59 29.80 34.75
C GLU B 79 0.29 30.97 33.81
N PRO B 80 0.11 32.19 34.34
CA PRO B 80 -0.43 33.28 33.51
C PRO B 80 0.41 33.64 32.30
N GLU B 81 1.72 33.40 32.34
CA GLU B 81 2.55 33.71 31.18
C GLU B 81 2.20 32.85 29.98
N ASP B 82 1.61 31.68 30.20
CA ASP B 82 1.29 30.74 29.14
C ASP B 82 0.08 31.16 28.31
N ILE B 83 -0.61 32.22 28.69
CA ILE B 83 -1.81 32.62 27.95
C ILE B 83 -1.38 33.20 26.61
N ALA B 84 -1.81 32.57 25.52
CA ALA B 84 -1.28 32.82 24.19
C ALA B 84 -1.97 31.91 23.18
N THR B 85 -1.64 32.08 21.90
CA THR B 85 -2.15 31.21 20.85
C THR B 85 -1.07 30.21 20.45
N TYR B 86 -1.47 28.95 20.31
CA TYR B 86 -0.53 27.86 20.09
C TYR B 86 -0.73 27.25 18.72
N TYR B 87 0.37 26.82 18.10
CA TYR B 87 0.32 26.33 16.74
C TYR B 87 1.17 25.07 16.61
N CYS B 88 0.75 24.20 15.70
CA CYS B 88 1.49 22.99 15.36
C CYS B 88 1.87 23.02 13.88
N GLN B 89 3.00 22.39 13.57
CA GLN B 89 3.59 22.45 12.23
C GLN B 89 4.10 21.08 11.82
N GLN B 90 3.87 20.72 10.56
CA GLN B 90 4.42 19.52 9.96
C GLN B 90 5.55 19.91 9.01
N TYR B 91 6.74 19.35 9.24
CA TYR B 91 7.82 19.46 8.27
C TYR B 91 7.98 18.23 7.39
N SER B 92 7.01 17.30 7.42
CA SER B 92 7.06 16.08 6.63
C SER B 92 7.52 16.36 5.21
N LYS B 93 6.74 17.14 4.45
CA LYS B 93 7.25 17.63 3.18
C LYS B 93 6.59 18.96 2.83
N LEU B 94 7.29 19.73 2.01
CA LEU B 94 6.90 21.06 1.59
C LEU B 94 5.64 21.02 0.71
N PRO B 95 4.79 22.06 0.79
CA PRO B 95 4.93 23.25 1.64
C PRO B 95 4.57 22.99 3.08
N TRP B 96 5.32 23.58 4.01
CA TRP B 96 5.03 23.41 5.43
C TRP B 96 3.74 24.14 5.78
N THR B 97 2.97 23.54 6.69
CA THR B 97 1.68 24.07 7.06
C THR B 97 1.58 24.17 8.59
N PHE B 98 0.67 25.02 9.04
CA PHE B 98 0.46 25.25 10.47
C PHE B 98 -0.99 24.93 10.83
N GLY B 99 -1.19 24.61 12.10
CA GLY B 99 -2.53 24.40 12.60
C GLY B 99 -3.32 25.69 12.67
N GLY B 100 -4.64 25.54 12.79
CA GLY B 100 -5.52 26.69 12.85
C GLY B 100 -5.26 27.59 14.04
N GLY B 101 -4.60 27.08 15.07
CA GLY B 101 -4.25 27.85 16.25
C GLY B 101 -5.27 27.68 17.37
N THR B 102 -4.77 27.72 18.60
CA THR B 102 -5.60 27.56 19.80
C THR B 102 -5.23 28.67 20.77
N LYS B 103 -6.19 29.56 21.04
CA LYS B 103 -5.98 30.68 21.93
C LYS B 103 -6.42 30.29 23.34
N LEU B 104 -5.57 30.56 24.33
CA LEU B 104 -5.89 30.29 25.71
C LEU B 104 -6.44 31.55 26.38
N GLU B 105 -7.38 31.34 27.30
CA GLU B 105 -8.01 32.41 28.04
C GLU B 105 -8.22 31.96 29.48
N ILE B 106 -8.48 32.93 30.35
CA ILE B 106 -8.59 32.71 31.79
C ILE B 106 -10.05 32.50 32.16
N LYS B 107 -10.31 31.63 33.13
CA LYS B 107 -11.67 31.42 33.62
C LYS B 107 -12.17 32.67 34.40
N GLY B 108 -11.40 33.25 35.33
CA GLY B 108 -10.32 32.61 36.07
C GLY B 108 -10.67 32.33 37.52
N GLY B 109 -11.74 32.97 37.99
CA GLY B 109 -12.12 32.94 39.38
C GLY B 109 -11.63 34.16 40.14
N TRP B 110 -11.98 34.18 41.42
CA TRP B 110 -11.60 35.26 42.33
C TRP B 110 -10.58 34.76 43.34
N SER B 111 -9.71 35.66 43.79
CA SER B 111 -8.77 35.34 44.84
C SER B 111 -9.44 35.47 46.20
N HIS B 112 -9.33 34.43 47.03
CA HIS B 112 -9.86 34.45 48.39
C HIS B 112 -8.80 34.06 49.41
N PRO B 113 -7.69 34.82 49.50
CA PRO B 113 -6.83 34.52 50.66
C PRO B 113 -7.25 35.29 51.91
N THR C 3 -5.86 -15.42 -42.43
CA THR C 3 -6.27 -14.13 -41.89
C THR C 3 -5.96 -14.06 -40.40
N SER C 4 -6.99 -13.81 -39.59
CA SER C 4 -6.81 -13.67 -38.16
C SER C 4 -6.70 -15.03 -37.49
N ILE C 5 -6.00 -15.04 -36.35
CA ILE C 5 -5.86 -16.25 -35.55
C ILE C 5 -7.09 -16.40 -34.66
N ASN C 6 -7.59 -17.63 -34.55
CA ASN C 6 -8.69 -17.95 -33.66
C ASN C 6 -8.12 -18.63 -32.41
N CYS C 7 -8.28 -17.97 -31.26
CA CYS C 7 -7.73 -18.51 -30.02
C CYS C 7 -8.43 -19.77 -29.56
N LYS C 8 -9.60 -20.09 -30.12
CA LYS C 8 -10.29 -21.33 -29.75
C LYS C 8 -9.72 -22.53 -30.48
N ASN C 9 -9.32 -22.38 -31.75
CA ASN C 9 -8.60 -23.42 -32.46
C ASN C 9 -7.43 -22.77 -33.20
N ILE C 10 -6.22 -23.20 -32.87
CA ILE C 10 -5.01 -22.59 -33.39
C ILE C 10 -4.31 -23.58 -34.31
N GLN C 11 -3.91 -23.11 -35.49
CA GLN C 11 -3.31 -23.97 -36.49
C GLN C 11 -1.88 -24.33 -36.11
N SER C 12 -1.40 -25.43 -36.69
CA SER C 12 -0.01 -25.82 -36.48
C SER C 12 0.95 -24.75 -36.97
N THR C 13 0.51 -23.93 -37.93
CA THR C 13 1.30 -22.77 -38.34
C THR C 13 1.44 -21.77 -37.21
N GLN C 14 0.39 -21.59 -36.42
CA GLN C 14 0.15 -20.39 -35.65
C GLN C 14 0.72 -20.42 -34.23
N LEU C 15 1.52 -21.42 -33.86
CA LEU C 15 2.16 -21.36 -32.55
C LEU C 15 3.60 -20.88 -32.75
N THR C 16 3.78 -19.59 -32.44
CA THR C 16 5.04 -18.89 -32.29
C THR C 16 4.74 -17.74 -31.35
N ILE C 17 5.78 -17.14 -30.78
CA ILE C 17 5.56 -16.04 -29.84
C ILE C 17 4.78 -14.91 -30.50
N GLU C 18 4.98 -14.71 -31.80
CA GLU C 18 4.30 -13.63 -32.52
C GLU C 18 2.81 -13.89 -32.65
N HIS C 19 2.43 -15.10 -33.07
CA HIS C 19 1.01 -15.42 -33.20
C HIS C 19 0.35 -15.57 -31.84
N LEU C 20 1.01 -16.28 -30.92
CA LEU C 20 0.44 -16.49 -29.60
C LEU C 20 0.30 -15.18 -28.83
N SER C 21 1.12 -14.18 -29.15
CA SER C 21 0.96 -12.87 -28.52
C SER C 21 -0.42 -12.29 -28.79
N LYS C 22 -0.95 -12.51 -30.00
CA LYS C 22 -2.24 -11.93 -30.38
C LYS C 22 -3.42 -12.53 -29.62
N CYS C 23 -3.22 -13.62 -28.88
CA CYS C 23 -4.31 -14.26 -28.14
C CYS C 23 -4.39 -13.86 -26.68
N MET C 24 -3.56 -12.91 -26.24
CA MET C 24 -3.59 -12.49 -24.85
C MET C 24 -4.90 -11.77 -24.52
N ALA C 25 -5.21 -11.72 -23.22
CA ALA C 25 -6.51 -11.21 -22.78
C ALA C 25 -6.62 -9.70 -23.00
N PHE C 26 -5.60 -8.94 -22.57
CA PHE C 26 -5.67 -7.49 -22.71
C PHE C 26 -5.75 -7.08 -24.19
N TYR C 27 -5.17 -7.89 -25.08
CA TYR C 27 -5.18 -7.63 -26.50
C TYR C 27 -6.57 -7.83 -27.12
N GLN C 28 -7.52 -8.38 -26.38
CA GLN C 28 -8.84 -8.66 -26.91
C GLN C 28 -9.75 -7.44 -26.96
N ASN C 29 -9.37 -6.33 -26.35
CA ASN C 29 -10.09 -5.06 -26.45
C ASN C 29 -11.51 -5.18 -25.91
N LYS C 30 -11.68 -5.86 -24.77
CA LYS C 30 -12.96 -5.92 -24.08
C LYS C 30 -12.78 -5.35 -22.68
N THR C 31 -13.31 -4.15 -22.45
CA THR C 31 -13.26 -3.50 -21.15
C THR C 31 -14.58 -3.58 -20.38
N SER C 32 -15.63 -4.18 -20.95
CA SER C 32 -16.96 -4.03 -20.39
C SER C 32 -17.75 -5.34 -20.49
N SER C 33 -18.89 -5.36 -19.81
CA SER C 33 -20.00 -6.30 -20.01
C SER C 33 -19.54 -7.75 -19.99
N PRO C 34 -19.24 -8.32 -18.83
CA PRO C 34 -18.76 -9.71 -18.77
C PRO C 34 -19.76 -10.68 -19.38
N VAL C 35 -19.23 -11.74 -19.99
CA VAL C 35 -20.02 -12.77 -20.65
C VAL C 35 -19.89 -14.06 -19.86
N VAL C 36 -21.00 -14.78 -19.72
CA VAL C 36 -21.04 -15.97 -18.89
C VAL C 36 -20.33 -17.13 -19.59
N ILE C 37 -19.74 -18.02 -18.79
CA ILE C 37 -18.86 -19.08 -19.31
C ILE C 37 -19.57 -19.90 -20.38
N ASN C 38 -20.84 -20.27 -20.12
CA ASN C 38 -21.54 -21.12 -21.06
C ASN C 38 -21.80 -20.41 -22.38
N GLU C 39 -21.90 -19.08 -22.37
CA GLU C 39 -22.03 -18.34 -23.62
C GLU C 39 -20.68 -18.20 -24.32
N ILE C 40 -19.59 -18.24 -23.56
CA ILE C 40 -18.26 -18.10 -24.15
C ILE C 40 -17.91 -19.33 -24.98
N ILE C 41 -18.15 -20.51 -24.43
CA ILE C 41 -17.76 -21.79 -25.04
C ILE C 41 -18.90 -22.31 -25.91
N SER C 42 -19.93 -21.47 -26.12
CA SER C 42 -21.19 -21.91 -26.70
C SER C 42 -21.00 -22.80 -27.93
N ASP C 43 -20.01 -22.49 -28.78
CA ASP C 43 -19.65 -23.36 -29.89
C ASP C 43 -18.41 -24.14 -29.48
N ALA C 44 -18.59 -25.43 -29.23
CA ALA C 44 -17.56 -26.33 -28.73
C ALA C 44 -18.19 -27.71 -28.57
N SER C 45 -17.35 -28.73 -28.48
CA SER C 45 -17.86 -30.07 -28.25
C SER C 45 -18.49 -30.15 -26.87
N VAL C 46 -19.55 -30.95 -26.77
CA VAL C 46 -20.31 -31.05 -25.52
C VAL C 46 -19.44 -31.61 -24.41
N ASP C 47 -18.60 -32.60 -24.74
CA ASP C 47 -17.66 -33.12 -23.75
C ASP C 47 -16.72 -32.03 -23.26
N GLU C 48 -16.29 -31.13 -24.16
CA GLU C 48 -15.43 -30.02 -23.75
C GLU C 48 -16.17 -29.06 -22.82
N GLN C 49 -17.43 -28.74 -23.14
CA GLN C 49 -18.21 -27.88 -22.26
C GLN C 49 -18.36 -28.50 -20.88
N GLU C 50 -18.68 -29.79 -20.82
CA GLU C 50 -18.76 -30.47 -19.54
C GLU C 50 -17.44 -30.43 -18.79
N LEU C 51 -16.33 -30.56 -19.51
CA LEU C 51 -15.01 -30.49 -18.86
C LEU C 51 -14.77 -29.11 -18.26
N ILE C 52 -15.00 -28.06 -19.05
CA ILE C 52 -14.75 -26.70 -18.60
C ILE C 52 -15.62 -26.37 -17.39
N LYS C 53 -16.90 -26.77 -17.43
CA LYS C 53 -17.75 -26.59 -16.26
C LYS C 53 -17.21 -27.36 -15.07
N SER C 54 -16.75 -28.60 -15.29
CA SER C 54 -16.21 -29.39 -14.20
C SER C 54 -14.95 -28.78 -13.61
N LEU C 55 -14.26 -27.90 -14.35
CA LEU C 55 -13.13 -27.19 -13.78
C LEU C 55 -13.55 -26.22 -12.69
N ASN C 56 -14.76 -25.65 -12.82
CA ASN C 56 -15.26 -24.60 -11.93
C ASN C 56 -14.32 -23.38 -11.95
N LEU C 57 -14.33 -22.72 -13.11
CA LEU C 57 -13.52 -21.53 -13.31
C LEU C 57 -14.09 -20.34 -12.55
N ASN C 58 -13.21 -19.49 -12.05
CA ASN C 58 -13.60 -18.19 -11.53
C ASN C 58 -12.56 -17.17 -12.00
N CYS C 59 -12.92 -15.89 -11.87
CA CYS C 59 -12.01 -14.85 -12.33
C CYS C 59 -10.72 -14.79 -11.52
N ASN C 60 -10.71 -15.31 -10.30
CA ASN C 60 -9.53 -15.19 -9.44
C ASN C 60 -8.45 -16.19 -9.80
N VAL C 61 -8.80 -17.49 -9.90
CA VAL C 61 -7.79 -18.54 -10.08
C VAL C 61 -7.65 -18.98 -11.54
N ILE C 62 -8.35 -18.35 -12.48
CA ILE C 62 -8.23 -18.77 -13.87
C ILE C 62 -6.80 -18.61 -14.37
N ASP C 63 -6.10 -17.58 -13.89
CA ASP C 63 -4.68 -17.43 -14.22
C ASP C 63 -3.87 -18.62 -13.75
N ARG C 64 -4.13 -19.09 -12.53
CA ARG C 64 -3.43 -20.26 -12.03
C ARG C 64 -3.72 -21.48 -12.89
N PHE C 65 -4.96 -21.62 -13.37
CA PHE C 65 -5.29 -22.72 -14.26
C PHE C 65 -4.56 -22.62 -15.58
N ILE C 66 -4.37 -21.40 -16.10
CA ILE C 66 -3.57 -21.24 -17.31
C ILE C 66 -2.13 -21.62 -17.06
N SER C 67 -1.59 -21.31 -15.87
CA SER C 67 -0.21 -21.64 -15.57
C SER C 67 -0.01 -23.13 -15.26
N GLU C 68 -1.06 -23.83 -14.83
CA GLU C 68 -0.90 -25.23 -14.43
C GLU C 68 -0.86 -26.17 -15.63
N SER C 69 -1.68 -25.91 -16.65
CA SER C 69 -1.78 -26.82 -17.78
C SER C 69 -0.50 -26.80 -18.60
N SER C 70 -0.14 -27.98 -19.12
CA SER C 70 1.07 -28.14 -19.92
C SER C 70 0.81 -28.05 -21.43
N VAL C 71 -0.45 -27.91 -21.84
CA VAL C 71 -0.82 -27.91 -23.24
C VAL C 71 -1.13 -26.47 -23.65
N ILE C 72 -0.41 -25.98 -24.68
CA ILE C 72 -0.45 -24.56 -25.00
C ILE C 72 -1.83 -24.15 -25.51
N GLU C 73 -2.46 -24.98 -26.36
CA GLU C 73 -3.78 -24.65 -26.89
C GLU C 73 -4.78 -24.48 -25.77
N THR C 74 -4.73 -25.36 -24.76
CA THR C 74 -5.60 -25.23 -23.60
C THR C 74 -5.31 -23.94 -22.83
N GLN C 75 -4.03 -23.57 -22.71
CA GLN C 75 -3.67 -22.32 -22.06
C GLN C 75 -4.29 -21.13 -22.78
N VAL C 76 -4.20 -21.10 -24.11
CA VAL C 76 -4.80 -20.02 -24.89
C VAL C 76 -6.31 -20.01 -24.72
N TYR C 77 -6.92 -21.19 -24.65
CA TYR C 77 -8.37 -21.26 -24.49
C TYR C 77 -8.79 -20.67 -23.15
N TYR C 78 -8.12 -21.07 -22.07
CA TYR C 78 -8.43 -20.50 -20.76
C TYR C 78 -8.16 -19.00 -20.73
N GLU C 79 -7.14 -18.55 -21.46
CA GLU C 79 -6.84 -17.13 -21.54
C GLU C 79 -7.99 -16.38 -22.18
N TYR C 80 -8.51 -16.90 -23.30
CA TYR C 80 -9.64 -16.28 -23.97
C TYR C 80 -10.87 -16.26 -23.06
N ILE C 81 -11.16 -17.39 -22.40
CA ILE C 81 -12.27 -17.43 -21.46
C ILE C 81 -12.10 -16.37 -20.37
N LYS C 82 -10.87 -16.16 -19.91
CA LYS C 82 -10.63 -15.11 -18.93
C LYS C 82 -10.91 -13.73 -19.52
N SER C 83 -10.50 -13.51 -20.77
CA SER C 83 -10.73 -12.21 -21.41
C SER C 83 -12.21 -11.89 -21.48
N GLN C 84 -13.02 -12.87 -21.89
CA GLN C 84 -14.45 -12.61 -22.02
C GLN C 84 -15.16 -12.57 -20.67
N LEU C 85 -14.71 -13.38 -19.72
CA LEU C 85 -15.41 -13.53 -18.45
C LEU C 85 -15.11 -12.40 -17.48
N CYS C 86 -13.89 -11.87 -17.50
CA CYS C 86 -13.41 -10.95 -16.47
C CYS C 86 -12.81 -9.69 -17.11
N PRO C 87 -13.61 -8.93 -17.85
CA PRO C 87 -13.04 -7.79 -18.59
C PRO C 87 -12.53 -6.67 -17.69
N LEU C 88 -13.16 -6.43 -16.54
CA LEU C 88 -12.66 -5.39 -15.65
C LEU C 88 -11.38 -5.83 -14.94
N GLN C 89 -11.22 -7.13 -14.71
CA GLN C 89 -9.99 -7.64 -14.10
C GLN C 89 -8.81 -7.50 -15.06
N VAL C 90 -9.04 -7.74 -16.35
CA VAL C 90 -7.94 -7.80 -17.31
C VAL C 90 -7.32 -6.44 -17.52
N HIS C 91 -8.14 -5.42 -17.74
CA HIS C 91 -7.67 -4.09 -18.10
C HIS C 91 -7.39 -3.21 -16.89
N ASP C 92 -7.46 -3.76 -15.68
CA ASP C 92 -7.25 -2.95 -14.48
C ASP C 92 -5.86 -2.32 -14.47
N ILE C 93 -4.87 -3.04 -15.00
CA ILE C 93 -3.50 -2.56 -14.98
C ILE C 93 -3.31 -1.28 -15.78
N PHE C 94 -4.19 -1.00 -16.74
CA PHE C 94 -4.05 0.16 -17.59
C PHE C 94 -4.61 1.43 -16.97
N THR C 95 -5.38 1.31 -15.88
CA THR C 95 -5.79 2.46 -15.09
C THR C 95 -4.69 2.75 -14.07
N ILE C 96 -4.18 3.98 -14.08
CA ILE C 96 -2.93 4.27 -13.38
C ILE C 96 -3.10 4.04 -11.88
N ASN C 97 -2.13 3.34 -11.28
CA ASN C 97 -2.07 3.07 -9.85
C ASN C 97 -3.23 2.21 -9.38
N SER C 98 -3.83 1.43 -10.28
CA SER C 98 -4.73 0.38 -9.86
C SER C 98 -3.93 -0.71 -9.16
N ALA C 99 -4.58 -1.40 -8.21
CA ALA C 99 -3.89 -2.39 -7.39
C ALA C 99 -3.20 -3.46 -8.23
N SER C 100 -3.66 -3.69 -9.46
CA SER C 100 -3.00 -4.67 -10.32
C SER C 100 -1.53 -4.34 -10.53
N ASN C 101 -1.16 -3.05 -10.47
CA ASN C 101 0.23 -2.64 -10.61
C ASN C 101 1.10 -3.04 -9.42
N ILE C 102 0.50 -3.18 -8.23
CA ILE C 102 1.26 -3.37 -6.99
C ILE C 102 2.29 -4.47 -7.13
N GLN C 103 1.98 -5.51 -7.92
CA GLN C 103 2.91 -6.61 -8.11
C GLN C 103 4.19 -6.12 -8.79
N TRP C 104 4.06 -5.61 -10.01
CA TRP C 104 5.26 -5.43 -10.83
C TRP C 104 6.14 -4.33 -10.26
N LYS C 105 5.53 -3.21 -9.87
CA LYS C 105 6.27 -2.18 -9.14
C LYS C 105 7.07 -2.80 -8.00
N ALA C 106 6.41 -3.64 -7.20
CA ALA C 106 7.10 -4.29 -6.08
C ALA C 106 8.36 -5.00 -6.56
N LEU C 107 8.22 -5.83 -7.60
CA LEU C 107 9.38 -6.52 -8.14
C LEU C 107 10.44 -5.53 -8.57
N ALA C 108 10.03 -4.47 -9.27
CA ALA C 108 10.99 -3.49 -9.75
C ALA C 108 11.78 -2.88 -8.61
N ARG C 109 11.18 -2.80 -7.42
CA ARG C 109 11.92 -2.30 -6.27
C ARG C 109 12.81 -3.38 -5.66
N SER C 110 12.31 -4.62 -5.60
CA SER C 110 13.08 -5.68 -4.96
C SER C 110 14.27 -6.10 -5.81
N PHE C 111 14.19 -5.94 -7.12
CA PHE C 111 15.25 -6.33 -8.04
C PHE C 111 15.96 -5.08 -8.54
N THR C 112 17.29 -5.11 -8.51
CA THR C 112 18.11 -4.00 -8.97
C THR C 112 18.80 -4.39 -10.27
N LEU C 113 18.64 -3.55 -11.29
CA LEU C 113 19.28 -3.79 -12.57
C LEU C 113 20.79 -3.66 -12.44
N GLY C 114 21.50 -4.28 -13.38
CA GLY C 114 22.94 -4.11 -13.43
C GLY C 114 23.35 -2.73 -13.88
N VAL C 115 22.54 -2.09 -14.74
CA VAL C 115 22.82 -0.73 -15.19
C VAL C 115 22.67 0.26 -14.06
N CYS C 116 22.02 -0.13 -12.96
CA CYS C 116 21.78 0.76 -11.83
C CYS C 116 22.80 0.63 -10.71
N ASN C 117 23.79 -0.25 -10.86
CA ASN C 117 24.87 -0.35 -9.88
C ASN C 117 26.05 0.55 -10.21
N THR C 118 26.07 1.17 -11.39
CA THR C 118 27.10 2.13 -11.75
C THR C 118 26.66 3.56 -11.45
N ASN C 119 25.60 4.02 -12.12
CA ASN C 119 25.04 5.36 -11.94
C ASN C 119 23.61 5.17 -11.43
N PRO C 120 23.44 4.97 -10.11
CA PRO C 120 22.09 4.77 -9.56
C PRO C 120 21.16 5.95 -9.76
N HIS C 121 21.69 7.12 -10.10
CA HIS C 121 20.88 8.32 -10.29
C HIS C 121 20.24 8.40 -11.67
N LYS C 122 20.42 7.37 -12.51
CA LYS C 122 19.81 7.35 -13.83
C LYS C 122 18.29 7.42 -13.73
N HIS C 123 17.68 7.92 -14.80
CA HIS C 123 16.23 8.13 -14.82
C HIS C 123 15.48 6.86 -14.44
N ILE C 124 15.73 5.76 -15.16
CA ILE C 124 14.97 4.54 -14.89
C ILE C 124 15.26 4.02 -13.50
N CYS C 125 16.54 3.98 -13.10
CA CYS C 125 16.88 3.44 -11.79
C CYS C 125 16.07 4.12 -10.69
N ARG C 126 15.90 5.44 -10.79
CA ARG C 126 15.00 6.14 -9.89
C ARG C 126 13.54 5.78 -10.16
N CYS C 127 13.20 5.41 -11.40
CA CYS C 127 11.82 5.06 -11.71
C CYS C 127 11.42 3.69 -11.17
N LEU C 128 12.35 2.74 -11.12
CA LEU C 128 12.09 1.43 -10.53
C LEU C 128 12.20 1.50 -9.01
N GLU C 129 13.21 2.20 -8.49
CA GLU C 129 13.39 2.25 -7.05
C GLU C 129 12.32 3.10 -6.38
N SER C 130 12.19 4.37 -6.78
CA SER C 130 11.28 5.31 -6.14
C SER C 130 9.96 5.49 -6.88
N MET C 131 9.79 4.86 -8.05
CA MET C 131 8.61 5.07 -8.90
C MET C 131 8.39 6.56 -9.17
N GLN C 132 9.48 7.28 -9.41
CA GLN C 132 9.44 8.71 -9.69
C GLN C 132 10.43 9.03 -10.80
N MET C 133 10.13 10.09 -11.54
CA MET C 133 10.82 10.43 -12.78
C MET C 133 10.82 9.22 -13.73
N CYS C 134 9.61 8.81 -14.10
CA CYS C 134 9.40 7.74 -15.08
C CYS C 134 9.08 8.26 -16.47
N THR C 135 8.98 9.58 -16.65
CA THR C 135 8.45 10.13 -17.89
C THR C 135 9.27 9.68 -19.10
N SER C 136 10.57 9.96 -19.09
CA SER C 136 11.46 9.48 -20.15
C SER C 136 12.54 8.61 -19.50
N THR C 137 12.40 7.30 -19.62
CA THR C 137 13.43 6.37 -19.16
C THR C 137 14.52 6.16 -20.20
N LYS C 138 14.15 6.11 -21.47
CA LYS C 138 15.12 5.83 -22.52
C LYS C 138 15.92 7.07 -22.89
N THR C 139 15.28 8.25 -22.93
CA THR C 139 15.98 9.45 -23.38
C THR C 139 17.09 9.84 -22.43
N ASP C 140 16.85 9.77 -21.13
CA ASP C 140 17.89 10.08 -20.16
C ASP C 140 18.94 8.98 -20.14
N HIS C 141 20.20 9.38 -20.31
CA HIS C 141 21.36 8.49 -20.24
C HIS C 141 21.26 7.33 -21.23
N ALA C 142 20.64 7.57 -22.39
CA ALA C 142 20.58 6.54 -23.42
C ALA C 142 21.97 6.14 -23.89
N ARG C 143 22.86 7.11 -24.02
CA ARG C 143 24.22 6.83 -24.50
C ARG C 143 24.98 5.94 -23.51
N GLU C 144 24.87 6.24 -22.21
CA GLU C 144 25.63 5.49 -21.22
C GLU C 144 25.09 4.07 -21.05
N MET C 145 23.77 3.91 -21.07
CA MET C 145 23.19 2.58 -20.99
C MET C 145 23.48 1.77 -22.23
N SER C 146 23.45 2.41 -23.41
CA SER C 146 23.83 1.72 -24.64
C SER C 146 25.28 1.28 -24.59
N ILE C 147 26.16 2.13 -24.01
CA ILE C 147 27.55 1.74 -23.86
C ILE C 147 27.68 0.62 -22.81
N TYR C 148 26.73 0.53 -21.88
CA TYR C 148 26.78 -0.50 -20.86
C TYR C 148 26.36 -1.87 -21.39
N TYR C 149 25.29 -1.92 -22.19
CA TYR C 149 24.78 -3.20 -22.67
C TYR C 149 25.55 -3.70 -23.88
N ASP C 150 25.89 -2.82 -24.82
CA ASP C 150 26.45 -3.24 -26.10
C ASP C 150 27.71 -4.08 -25.91
N GLY C 151 27.76 -5.20 -26.63
CA GLY C 151 28.91 -6.08 -26.62
C GLY C 151 29.11 -6.89 -25.35
N HIS C 152 28.16 -6.85 -24.42
CA HIS C 152 28.23 -7.63 -23.19
C HIS C 152 26.99 -8.49 -23.10
N PRO C 153 26.98 -9.66 -23.74
CA PRO C 153 25.80 -10.53 -23.66
C PRO C 153 25.39 -10.86 -22.23
N ASP C 154 26.34 -11.02 -21.32
CA ASP C 154 26.00 -11.44 -19.95
C ASP C 154 25.24 -10.34 -19.20
N ARG C 155 25.74 -9.11 -19.25
CA ARG C 155 25.00 -7.99 -18.65
C ARG C 155 23.58 -7.90 -19.21
N PHE C 156 23.46 -7.97 -20.55
CA PHE C 156 22.18 -7.85 -21.22
C PHE C 156 21.24 -8.97 -20.81
N GLU C 157 21.75 -10.21 -20.75
CA GLU C 157 20.93 -11.36 -20.37
C GLU C 157 20.45 -11.23 -18.93
N HIS C 158 21.32 -10.78 -18.04
CA HIS C 158 20.94 -10.57 -16.65
C HIS C 158 19.77 -9.59 -16.55
N ASP C 159 19.96 -8.37 -17.06
CA ASP C 159 18.90 -7.38 -16.96
C ASP C 159 17.64 -7.83 -17.68
N MET C 160 17.80 -8.53 -18.80
CA MET C 160 16.64 -9.01 -19.56
C MET C 160 15.85 -10.04 -18.77
N LYS C 161 16.54 -10.93 -18.05
CA LYS C 161 15.84 -11.89 -17.20
C LYS C 161 15.02 -11.18 -16.13
N ILE C 162 15.64 -10.22 -15.44
CA ILE C 162 14.91 -9.51 -14.38
C ILE C 162 13.68 -8.82 -14.96
N ILE C 163 13.85 -8.14 -16.09
CA ILE C 163 12.72 -7.51 -16.78
C ILE C 163 11.64 -8.55 -17.08
N LEU C 164 12.05 -9.74 -17.52
CA LEU C 164 11.08 -10.78 -17.87
C LEU C 164 10.26 -11.18 -16.66
N ASN C 165 10.87 -11.29 -15.47
CA ASN C 165 10.09 -11.58 -14.27
C ASN C 165 9.08 -10.46 -13.98
N ILE C 166 9.56 -9.21 -13.99
CA ILE C 166 8.66 -8.08 -13.73
C ILE C 166 7.45 -8.13 -14.67
N MET C 167 7.70 -8.38 -15.96
CA MET C 167 6.60 -8.43 -16.91
C MET C 167 5.72 -9.66 -16.69
N ARG C 168 6.30 -10.76 -16.21
CA ARG C 168 5.49 -11.91 -15.80
C ARG C 168 4.43 -11.49 -14.81
N TYR C 169 4.79 -10.60 -13.87
CA TYR C 169 3.77 -10.07 -12.99
C TYR C 169 3.01 -8.88 -13.58
N ILE C 170 3.43 -8.35 -14.73
CA ILE C 170 2.59 -7.39 -15.44
C ILE C 170 1.41 -8.09 -16.12
N VAL C 171 1.70 -9.07 -16.98
CA VAL C 171 0.63 -9.78 -17.68
C VAL C 171 0.65 -11.26 -17.28
N PRO C 172 -0.32 -11.70 -16.48
CA PRO C 172 -0.40 -13.13 -16.17
C PRO C 172 -1.20 -13.89 -17.21
N GLY C 173 -1.45 -15.17 -16.97
CA GLY C 173 -2.13 -15.99 -17.97
C GLY C 173 -1.18 -16.29 -19.11
N LEU C 174 -1.65 -16.07 -20.33
CA LEU C 174 -0.83 -16.35 -21.52
C LEU C 174 0.45 -15.54 -21.53
N GLY C 175 0.40 -14.31 -21.04
CA GLY C 175 1.62 -13.50 -20.99
C GLY C 175 2.72 -14.15 -20.17
N ARG C 176 2.36 -14.67 -19.00
CA ARG C 176 3.35 -15.32 -18.14
C ARG C 176 4.00 -16.51 -18.85
N VAL C 177 3.19 -17.34 -19.50
CA VAL C 177 3.72 -18.54 -20.15
C VAL C 177 4.61 -18.17 -21.34
N LEU C 178 4.19 -17.16 -22.11
CA LEU C 178 5.04 -16.69 -23.21
C LEU C 178 6.37 -16.15 -22.69
N LEU C 179 6.34 -15.41 -21.58
CA LEU C 179 7.58 -14.87 -21.04
C LEU C 179 8.48 -15.99 -20.50
N ASP C 180 7.89 -17.03 -19.91
CA ASP C 180 8.68 -18.18 -19.50
C ASP C 180 9.29 -18.88 -20.71
N GLN C 181 8.53 -18.98 -21.80
CA GLN C 181 9.11 -19.45 -23.05
C GLN C 181 10.34 -18.63 -23.42
N ILE C 182 10.22 -17.30 -23.36
CA ILE C 182 11.34 -16.43 -23.72
C ILE C 182 12.54 -16.71 -22.82
N LYS C 183 12.30 -16.86 -21.51
CA LYS C 183 13.38 -17.16 -20.58
C LYS C 183 14.09 -18.44 -20.95
N GLN C 184 13.33 -19.53 -21.10
CA GLN C 184 13.98 -20.82 -21.35
C GLN C 184 14.67 -20.81 -22.70
N THR C 185 14.19 -20.02 -23.64
CA THR C 185 14.78 -20.11 -24.95
C THR C 185 15.88 -19.11 -25.21
N LYS C 186 16.03 -18.10 -24.36
CA LYS C 186 16.95 -17.00 -24.60
C LYS C 186 16.71 -16.30 -25.95
N ASP C 187 15.45 -16.24 -26.39
CA ASP C 187 15.08 -15.38 -27.52
C ASP C 187 14.45 -14.14 -26.91
N TYR C 188 15.25 -13.07 -26.82
CA TYR C 188 14.81 -11.83 -26.19
C TYR C 188 14.07 -10.91 -27.14
N GLN C 189 14.46 -10.89 -28.41
CA GLN C 189 13.80 -10.01 -29.39
C GLN C 189 12.31 -10.29 -29.48
N ALA C 190 11.90 -11.55 -29.28
CA ALA C 190 10.48 -11.88 -29.30
C ALA C 190 9.67 -11.00 -28.36
N LEU C 191 10.28 -10.59 -27.24
CA LEU C 191 9.59 -9.76 -26.25
C LEU C 191 8.96 -8.54 -26.89
N ARG C 192 9.53 -8.06 -28.01
CA ARG C 192 8.97 -6.90 -28.70
C ARG C 192 7.46 -7.02 -28.81
N HIS C 193 6.99 -8.17 -29.33
CA HIS C 193 5.56 -8.39 -29.52
C HIS C 193 4.80 -7.96 -28.27
N ILE C 194 5.08 -8.63 -27.15
CA ILE C 194 4.36 -8.34 -25.91
C ILE C 194 4.38 -6.85 -25.63
N GLN C 195 5.59 -6.29 -25.53
CA GLN C 195 5.69 -4.89 -25.10
C GLN C 195 4.96 -3.99 -26.06
N GLY C 196 4.99 -4.33 -27.35
CA GLY C 196 4.32 -3.50 -28.34
C GLY C 196 2.88 -3.35 -27.94
N LYS C 197 2.19 -4.48 -27.79
CA LYS C 197 0.76 -4.42 -27.51
C LYS C 197 0.48 -3.78 -26.16
N LEU C 198 1.47 -3.76 -25.27
CA LEU C 198 1.22 -3.17 -23.96
C LEU C 198 1.30 -1.64 -24.00
N SER C 199 2.12 -1.07 -24.89
CA SER C 199 2.34 0.38 -24.82
C SER C 199 1.10 1.18 -25.20
N PRO C 200 0.43 0.93 -26.34
CA PRO C 200 -0.84 1.64 -26.60
C PRO C 200 -1.87 1.50 -25.49
N LYS C 201 -2.01 0.31 -24.90
CA LYS C 201 -2.97 0.14 -23.82
C LYS C 201 -2.53 0.81 -22.53
N SER C 202 -1.22 1.03 -22.35
CA SER C 202 -0.67 1.56 -21.10
C SER C 202 -0.45 3.06 -21.10
N GLN C 203 -0.89 3.76 -22.16
CA GLN C 203 -0.51 5.17 -22.32
C GLN C 203 -0.96 6.03 -21.14
N SER C 204 -2.04 5.65 -20.45
CA SER C 204 -2.50 6.43 -19.31
C SER C 204 -1.62 6.19 -18.09
N ASN C 205 -1.17 4.96 -17.86
CA ASN C 205 -0.31 4.65 -16.74
C ASN C 205 1.10 5.15 -17.05
N LEU C 206 1.62 6.04 -16.21
CA LEU C 206 2.88 6.71 -16.50
C LEU C 206 4.08 5.81 -16.23
N GLN C 207 4.12 5.15 -15.07
CA GLN C 207 5.25 4.31 -14.73
C GLN C 207 5.27 3.04 -15.57
N LEU C 208 4.09 2.49 -15.87
CA LEU C 208 4.02 1.36 -16.81
C LEU C 208 4.52 1.76 -18.18
N LYS C 209 4.07 2.93 -18.67
CA LYS C 209 4.53 3.42 -19.97
C LYS C 209 6.04 3.59 -20.00
N GLY C 210 6.60 4.21 -18.95
CA GLY C 210 8.05 4.36 -18.89
C GLY C 210 8.77 3.03 -18.86
N PHE C 211 8.24 2.06 -18.10
CA PHE C 211 8.86 0.74 -18.07
C PHE C 211 8.89 0.11 -19.45
N LEU C 212 7.75 0.14 -20.15
CA LEU C 212 7.69 -0.45 -21.49
C LEU C 212 8.63 0.28 -22.45
N GLU C 213 8.75 1.59 -22.30
CA GLU C 213 9.68 2.35 -23.14
C GLU C 213 11.12 1.92 -22.90
N PHE C 214 11.49 1.73 -21.63
CA PHE C 214 12.84 1.25 -21.36
C PHE C 214 13.05 -0.16 -21.89
N VAL C 215 12.04 -1.02 -21.75
CA VAL C 215 12.15 -2.38 -22.30
C VAL C 215 12.40 -2.30 -23.80
N ASP C 216 11.69 -1.39 -24.48
CA ASP C 216 11.97 -1.12 -25.88
C ASP C 216 13.42 -0.72 -26.08
N PHE C 217 13.95 0.15 -25.22
CA PHE C 217 15.33 0.60 -25.37
C PHE C 217 16.32 -0.56 -25.22
N ILE C 218 16.19 -1.34 -24.15
CA ILE C 218 17.17 -2.39 -23.87
C ILE C 218 17.05 -3.53 -24.87
N LEU C 219 15.85 -3.74 -25.43
CA LEU C 219 15.71 -4.74 -26.49
C LEU C 219 16.54 -4.38 -27.71
N GLY C 220 16.74 -3.09 -27.96
CA GLY C 220 17.53 -2.62 -29.08
C GLY C 220 19.02 -2.62 -28.88
N ALA C 221 19.51 -3.14 -27.75
CA ALA C 221 20.95 -3.19 -27.51
C ALA C 221 21.64 -3.99 -28.60
N ASN C 222 22.89 -3.61 -28.89
CA ASN C 222 23.64 -4.22 -29.98
C ASN C 222 24.40 -5.40 -29.38
N VAL C 223 23.88 -6.60 -29.63
CA VAL C 223 24.46 -7.83 -29.11
C VAL C 223 23.96 -8.98 -29.96
N THR C 224 24.75 -10.04 -30.04
CA THR C 224 24.31 -11.31 -30.63
C THR C 224 24.25 -12.34 -29.52
N ILE C 225 23.15 -13.09 -29.45
CA ILE C 225 22.88 -13.96 -28.33
C ILE C 225 22.54 -15.37 -28.82
N GLU C 226 23.10 -16.37 -28.14
CA GLU C 226 22.80 -17.76 -28.49
C GLU C 226 21.41 -18.13 -28.00
N LYS C 227 20.78 -19.07 -28.70
CA LYS C 227 19.40 -19.46 -28.42
C LYS C 227 19.34 -20.95 -28.18
N THR C 228 18.81 -21.34 -27.03
CA THR C 228 18.62 -22.73 -26.64
C THR C 228 17.30 -23.25 -27.17
N PRO C 229 17.13 -24.57 -27.28
CA PRO C 229 15.83 -25.12 -27.69
C PRO C 229 14.77 -24.87 -26.64
N GLN C 230 13.53 -24.75 -27.12
CA GLN C 230 12.38 -24.63 -26.24
C GLN C 230 11.59 -25.93 -26.30
N THR C 231 11.21 -26.45 -25.13
CA THR C 231 10.36 -27.62 -25.04
C THR C 231 8.91 -27.17 -24.97
N LEU C 232 8.05 -27.82 -25.75
CA LEU C 232 6.67 -27.40 -25.89
C LEU C 232 5.79 -28.62 -26.01
N THR C 233 4.67 -28.61 -25.29
CA THR C 233 3.66 -29.66 -25.41
C THR C 233 2.47 -29.06 -26.14
N THR C 234 2.30 -29.44 -27.40
CA THR C 234 1.23 -28.92 -28.24
C THR C 234 0.35 -30.05 -28.72
N LEU C 235 -0.94 -29.77 -28.74
CA LEU C 235 -1.92 -30.65 -29.36
C LEU C 235 -2.24 -30.24 -30.80
N SER C 236 -1.79 -29.05 -31.24
CA SER C 236 -2.22 -28.48 -32.50
C SER C 236 -1.44 -29.00 -33.71
N LEU C 237 -0.34 -29.72 -33.50
CA LEU C 237 0.49 -30.13 -34.62
C LEU C 237 -0.17 -31.20 -35.47
N ILE C 238 -0.96 -32.05 -34.86
CA ILE C 238 -1.55 -33.18 -35.53
C ILE C 238 -3.04 -32.97 -35.62
N GLY C 239 -3.58 -32.94 -36.83
CA GLY C 239 -5.00 -33.18 -36.98
C GLY C 239 -5.37 -34.63 -37.30
N GLY C 240 -6.53 -35.06 -36.84
CA GLY C 240 -7.32 -34.31 -35.87
C GLY C 240 -8.04 -35.30 -34.97
N TRP C 241 -8.51 -34.86 -33.81
CA TRP C 241 -8.56 -33.44 -33.48
C TRP C 241 -7.94 -33.04 -32.15
N SER C 242 -7.53 -31.78 -32.08
CA SER C 242 -7.31 -31.09 -30.83
C SER C 242 -7.97 -29.73 -30.88
N HIS C 243 -7.43 -28.86 -31.74
CA HIS C 243 -8.09 -27.59 -32.01
C HIS C 243 -9.51 -27.77 -32.53
N PRO C 244 -9.85 -28.77 -33.35
CA PRO C 244 -11.27 -29.04 -33.62
C PRO C 244 -12.04 -29.60 -32.43
N GLN C 245 -11.37 -30.07 -31.38
CA GLN C 245 -12.09 -30.48 -30.17
C GLN C 245 -12.61 -29.28 -29.41
N PHE C 246 -11.87 -28.17 -29.42
CA PHE C 246 -12.33 -26.96 -28.73
C PHE C 246 -13.45 -26.27 -29.52
N GLU C 247 -13.47 -26.43 -30.85
CA GLU C 247 -14.47 -25.77 -31.68
C GLU C 247 -14.91 -26.71 -32.79
N LYS C 248 -16.22 -26.89 -32.92
CA LYS C 248 -16.79 -27.78 -33.93
C LYS C 248 -16.73 -27.17 -35.33
N THR D 3 36.92 -7.31 19.95
CA THR D 3 35.93 -6.86 20.94
C THR D 3 34.69 -6.29 20.26
N SER D 4 34.22 -5.16 20.75
CA SER D 4 33.05 -4.51 20.16
C SER D 4 33.42 -3.87 18.83
N ILE D 5 32.43 -3.82 17.94
CA ILE D 5 32.61 -3.23 16.62
C ILE D 5 32.31 -1.74 16.70
N ASN D 6 33.10 -0.95 15.97
CA ASN D 6 32.91 0.50 15.87
C ASN D 6 32.36 0.78 14.48
N CYS D 7 31.09 1.20 14.41
CA CYS D 7 30.45 1.44 13.13
C CYS D 7 31.03 2.64 12.39
N LYS D 8 31.82 3.49 13.06
CA LYS D 8 32.40 4.64 12.38
C LYS D 8 33.63 4.27 11.56
N ASN D 9 34.51 3.44 12.11
CA ASN D 9 35.59 2.83 11.34
C ASN D 9 35.53 1.33 11.57
N ILE D 10 35.26 0.58 10.50
CA ILE D 10 35.02 -0.85 10.60
C ILE D 10 36.19 -1.58 9.94
N GLN D 11 36.68 -2.62 10.62
CA GLN D 11 37.87 -3.32 10.18
C GLN D 11 37.53 -4.31 9.06
N SER D 12 38.54 -4.57 8.22
CA SER D 12 38.35 -5.47 7.09
C SER D 12 37.96 -6.87 7.54
N THR D 13 38.60 -7.38 8.60
CA THR D 13 38.21 -8.65 9.17
C THR D 13 36.76 -8.62 9.65
N GLN D 14 36.30 -7.46 10.10
CA GLN D 14 34.98 -7.36 10.72
C GLN D 14 33.83 -7.36 9.73
N LEU D 15 34.07 -7.11 8.44
CA LEU D 15 32.95 -7.06 7.52
C LEU D 15 32.48 -8.48 7.24
N THR D 16 31.31 -8.81 7.76
CA THR D 16 30.55 -10.05 7.57
C THR D 16 29.11 -9.70 7.89
N ILE D 17 28.18 -10.55 7.45
CA ILE D 17 26.76 -10.28 7.68
C ILE D 17 26.45 -10.16 9.18
N GLU D 18 27.19 -10.87 10.02
CA GLU D 18 26.94 -10.85 11.46
C GLU D 18 27.40 -9.52 12.08
N HIS D 19 28.67 -9.16 11.88
CA HIS D 19 29.18 -7.94 12.50
C HIS D 19 28.56 -6.70 11.86
N LEU D 20 28.27 -6.73 10.56
CA LEU D 20 27.48 -5.66 9.96
C LEU D 20 26.10 -5.61 10.57
N SER D 21 25.48 -6.77 10.81
CA SER D 21 24.18 -6.80 11.46
C SER D 21 24.22 -6.13 12.82
N LYS D 22 25.36 -6.21 13.52
CA LYS D 22 25.48 -5.51 14.79
C LYS D 22 25.47 -3.99 14.66
N CYS D 23 25.66 -3.45 13.46
CA CYS D 23 25.70 -2.00 13.24
C CYS D 23 24.37 -1.42 12.79
N MET D 24 23.30 -2.22 12.77
CA MET D 24 22.00 -1.73 12.33
C MET D 24 21.50 -0.65 13.28
N ALA D 25 20.58 0.19 12.77
CA ALA D 25 20.14 1.38 13.50
C ALA D 25 19.36 1.01 14.75
N PHE D 26 18.40 0.07 14.63
CA PHE D 26 17.58 -0.27 15.78
C PHE D 26 18.40 -0.96 16.86
N TYR D 27 19.47 -1.66 16.48
CA TYR D 27 20.34 -2.34 17.44
C TYR D 27 21.13 -1.37 18.30
N GLN D 28 21.11 -0.07 17.97
CA GLN D 28 21.82 0.92 18.77
C GLN D 28 21.10 1.31 20.04
N ASN D 29 19.81 0.96 20.17
CA ASN D 29 19.05 1.16 21.39
C ASN D 29 18.94 2.64 21.76
N LYS D 30 18.68 3.48 20.76
CA LYS D 30 18.43 4.91 20.98
C LYS D 30 16.97 5.19 20.62
N THR D 31 16.13 5.38 21.63
CA THR D 31 14.72 5.70 21.44
C THR D 31 14.45 7.18 21.25
N SER D 32 15.24 8.06 21.86
CA SER D 32 14.80 9.43 22.14
C SER D 32 15.93 10.42 21.92
N SER D 33 15.58 11.71 21.99
CA SER D 33 16.51 12.82 22.12
C SER D 33 17.53 12.86 20.98
N PRO D 34 17.11 13.26 19.78
CA PRO D 34 18.00 13.19 18.62
C PRO D 34 19.28 13.98 18.83
N VAL D 35 20.36 13.49 18.22
CA VAL D 35 21.66 14.14 18.27
C VAL D 35 21.95 14.74 16.91
N VAL D 36 22.41 15.99 16.92
CA VAL D 36 22.56 16.75 15.68
C VAL D 36 23.79 16.26 14.91
N ILE D 37 23.76 16.45 13.59
CA ILE D 37 24.71 15.78 12.70
C ILE D 37 26.15 16.16 13.04
N ASN D 38 26.39 17.45 13.32
CA ASN D 38 27.76 17.88 13.59
C ASN D 38 28.33 17.21 14.82
N GLU D 39 27.50 16.94 15.83
CA GLU D 39 27.96 16.23 17.02
C GLU D 39 28.19 14.76 16.73
N ILE D 40 27.42 14.17 15.82
CA ILE D 40 27.56 12.75 15.50
C ILE D 40 28.92 12.48 14.86
N ILE D 41 29.29 13.31 13.89
CA ILE D 41 30.49 13.12 13.09
C ILE D 41 31.64 13.91 13.70
N SER D 42 31.42 14.44 14.91
CA SER D 42 32.33 15.40 15.53
C SER D 42 33.80 14.97 15.44
N ASP D 43 34.10 13.71 15.73
CA ASP D 43 35.45 13.20 15.57
C ASP D 43 35.51 12.41 14.26
N ALA D 44 36.15 13.00 13.26
CA ALA D 44 36.29 12.51 11.89
C ALA D 44 37.00 13.60 11.11
N SER D 45 37.53 13.25 9.94
CA SER D 45 38.30 14.21 9.16
C SER D 45 37.46 15.41 8.77
N VAL D 46 38.13 16.56 8.65
CA VAL D 46 37.42 17.82 8.39
C VAL D 46 36.74 17.78 7.02
N ASP D 47 37.47 17.32 5.99
CA ASP D 47 36.89 17.22 4.66
C ASP D 47 35.66 16.30 4.67
N GLU D 48 35.68 15.26 5.49
CA GLU D 48 34.51 14.39 5.63
C GLU D 48 33.34 15.16 6.22
N GLN D 49 33.58 15.93 7.29
CA GLN D 49 32.52 16.73 7.89
C GLN D 49 31.90 17.67 6.87
N GLU D 50 32.74 18.37 6.10
CA GLU D 50 32.21 19.25 5.06
C GLU D 50 31.44 18.48 4.00
N LEU D 51 31.86 17.26 3.69
CA LEU D 51 31.11 16.43 2.75
C LEU D 51 29.71 16.13 3.28
N ILE D 52 29.63 15.72 4.55
CA ILE D 52 28.32 15.35 5.13
C ILE D 52 27.42 16.57 5.23
N LYS D 53 27.98 17.72 5.61
CA LYS D 53 27.18 18.95 5.60
C LYS D 53 26.69 19.27 4.20
N SER D 54 27.54 19.06 3.19
CA SER D 54 27.15 19.36 1.81
C SER D 54 26.07 18.39 1.33
N LEU D 55 26.00 17.19 1.91
CA LEU D 55 24.92 16.27 1.55
C LEU D 55 23.57 16.78 2.02
N ASN D 56 23.54 17.52 3.13
CA ASN D 56 22.30 18.03 3.71
C ASN D 56 21.32 16.89 4.01
N LEU D 57 21.81 15.93 4.78
CA LEU D 57 20.98 14.79 5.17
C LEU D 57 19.75 15.25 5.94
N ASN D 58 18.66 14.51 5.76
CA ASN D 58 17.48 14.65 6.60
C ASN D 58 17.01 13.25 7.00
N CYS D 59 16.14 13.21 8.01
CA CYS D 59 15.70 11.93 8.53
C CYS D 59 14.88 11.13 7.53
N ASN D 60 14.29 11.79 6.54
CA ASN D 60 13.46 11.09 5.57
C ASN D 60 14.29 10.38 4.51
N VAL D 61 15.24 11.08 3.89
CA VAL D 61 15.93 10.58 2.71
C VAL D 61 17.28 9.94 3.02
N ILE D 62 17.65 9.84 4.30
CA ILE D 62 18.94 9.23 4.64
C ILE D 62 18.98 7.77 4.19
N ASP D 63 17.83 7.10 4.20
CA ASP D 63 17.77 5.72 3.71
C ASP D 63 18.14 5.65 2.24
N ARG D 64 17.63 6.58 1.43
CA ARG D 64 17.97 6.60 0.01
C ARG D 64 19.48 6.76 -0.19
N PHE D 65 20.11 7.63 0.60
CA PHE D 65 21.56 7.78 0.53
C PHE D 65 22.27 6.47 0.89
N ILE D 66 21.75 5.76 1.89
CA ILE D 66 22.35 4.47 2.24
C ILE D 66 22.26 3.50 1.07
N SER D 67 21.06 3.38 0.48
CA SER D 67 20.87 2.38 -0.57
C SER D 67 21.63 2.72 -1.85
N GLU D 68 21.84 4.01 -2.12
CA GLU D 68 22.49 4.39 -3.37
C GLU D 68 24.01 4.22 -3.31
N SER D 69 24.61 4.29 -2.12
CA SER D 69 26.05 4.26 -2.02
C SER D 69 26.60 2.90 -2.46
N SER D 70 27.77 2.92 -3.10
CA SER D 70 28.40 1.72 -3.62
C SER D 70 29.34 1.06 -2.63
N VAL D 71 29.63 1.71 -1.50
CA VAL D 71 30.65 1.25 -0.56
C VAL D 71 29.98 0.98 0.78
N ILE D 72 30.30 -0.17 1.38
CA ILE D 72 29.53 -0.65 2.53
C ILE D 72 29.88 0.13 3.80
N GLU D 73 31.15 0.52 3.96
CA GLU D 73 31.54 1.27 5.15
C GLU D 73 30.81 2.60 5.24
N THR D 74 30.69 3.29 4.10
CA THR D 74 29.93 4.53 4.04
C THR D 74 28.47 4.29 4.37
N GLN D 75 27.89 3.20 3.84
CA GLN D 75 26.50 2.87 4.15
C GLN D 75 26.31 2.67 5.64
N VAL D 76 27.24 1.97 6.29
CA VAL D 76 27.15 1.76 7.74
C VAL D 76 27.27 3.09 8.47
N TYR D 77 28.12 3.99 7.97
CA TYR D 77 28.23 5.30 8.60
C TYR D 77 26.91 6.05 8.54
N TYR D 78 26.28 6.08 7.37
CA TYR D 78 24.98 6.74 7.27
C TYR D 78 23.94 6.05 8.15
N GLU D 79 24.05 4.73 8.32
CA GLU D 79 23.14 4.02 9.22
C GLU D 79 23.32 4.48 10.66
N TYR D 80 24.57 4.64 11.10
CA TYR D 80 24.83 5.13 12.45
C TYR D 80 24.33 6.57 12.62
N ILE D 81 24.55 7.41 11.62
CA ILE D 81 24.03 8.77 11.66
C ILE D 81 22.51 8.75 11.78
N LYS D 82 21.85 7.81 11.11
CA LYS D 82 20.40 7.69 11.24
C LYS D 82 20.03 7.23 12.65
N SER D 83 20.80 6.30 13.23
CA SER D 83 20.46 5.80 14.55
C SER D 83 20.55 6.90 15.60
N GLN D 84 21.56 7.75 15.51
CA GLN D 84 21.67 8.82 16.49
C GLN D 84 20.74 10.00 16.16
N LEU D 85 20.52 10.27 14.88
CA LEU D 85 19.82 11.47 14.45
C LEU D 85 18.30 11.33 14.50
N CYS D 86 17.76 10.15 14.18
CA CYS D 86 16.34 9.95 13.97
C CYS D 86 15.83 8.75 14.77
N PRO D 87 15.83 8.85 16.10
CA PRO D 87 15.47 7.65 16.90
C PRO D 87 14.03 7.21 16.76
N LEU D 88 13.07 8.16 16.78
CA LEU D 88 11.67 7.78 16.66
C LEU D 88 11.40 7.08 15.33
N GLN D 89 12.02 7.58 14.26
CA GLN D 89 11.90 6.92 12.95
C GLN D 89 12.46 5.50 13.00
N VAL D 90 13.57 5.31 13.71
CA VAL D 90 14.23 4.01 13.73
C VAL D 90 13.38 3.00 14.48
N HIS D 91 12.85 3.38 15.65
CA HIS D 91 12.15 2.43 16.51
C HIS D 91 10.65 2.43 16.35
N ASP D 92 10.10 3.23 15.41
CA ASP D 92 8.65 3.28 15.25
C ASP D 92 8.06 1.93 14.85
N ILE D 93 8.81 1.13 14.08
CA ILE D 93 8.28 -0.12 13.52
C ILE D 93 7.84 -1.09 14.61
N PHE D 94 8.36 -0.95 15.83
CA PHE D 94 8.13 -1.92 16.89
C PHE D 94 6.83 -1.70 17.65
N THR D 95 6.18 -0.55 17.48
CA THR D 95 4.89 -0.31 18.11
C THR D 95 3.78 -0.89 17.23
N ILE D 96 2.87 -1.65 17.85
CA ILE D 96 1.92 -2.44 17.09
C ILE D 96 1.02 -1.54 16.26
N ASN D 97 0.80 -1.92 15.00
CA ASN D 97 -0.05 -1.21 14.05
C ASN D 97 0.43 0.21 13.79
N SER D 98 1.70 0.49 14.04
CA SER D 98 2.27 1.78 13.65
C SER D 98 2.38 1.86 12.13
N ALA D 99 2.33 3.08 11.60
CA ALA D 99 2.33 3.28 10.16
C ALA D 99 3.58 2.72 9.48
N SER D 100 4.62 2.39 10.24
CA SER D 100 5.81 1.81 9.63
C SER D 100 5.57 0.37 9.19
N ASN D 101 4.60 -0.33 9.79
CA ASN D 101 4.33 -1.73 9.47
C ASN D 101 3.61 -1.91 8.14
N ILE D 102 2.94 -0.86 7.64
CA ILE D 102 2.07 -0.97 6.48
C ILE D 102 2.81 -1.55 5.28
N GLN D 103 4.10 -1.25 5.15
CA GLN D 103 4.84 -1.64 3.95
C GLN D 103 5.07 -3.14 3.91
N TRP D 104 5.65 -3.69 4.96
CA TRP D 104 5.91 -5.13 4.98
C TRP D 104 4.60 -5.92 5.05
N LYS D 105 3.57 -5.36 5.69
CA LYS D 105 2.26 -6.01 5.64
C LYS D 105 1.74 -6.07 4.21
N ALA D 106 1.91 -4.98 3.45
CA ALA D 106 1.46 -4.96 2.06
C ALA D 106 2.25 -5.94 1.20
N LEU D 107 3.55 -6.06 1.43
CA LEU D 107 4.32 -7.08 0.74
C LEU D 107 3.86 -8.48 1.11
N ALA D 108 3.41 -8.67 2.35
CA ALA D 108 2.87 -9.97 2.74
C ALA D 108 1.58 -10.29 2.00
N ARG D 109 0.69 -9.32 1.89
CA ARG D 109 -0.57 -9.56 1.19
C ARG D 109 -0.37 -9.72 -0.32
N SER D 110 0.63 -9.03 -0.89
CA SER D 110 0.77 -9.02 -2.34
C SER D 110 1.30 -10.34 -2.88
N PHE D 111 2.24 -10.96 -2.17
CA PHE D 111 2.85 -12.20 -2.60
C PHE D 111 2.50 -13.32 -1.62
N THR D 112 2.03 -14.44 -2.15
CA THR D 112 1.63 -15.59 -1.35
C THR D 112 2.72 -16.64 -1.38
N LEU D 113 3.03 -17.20 -0.21
CA LEU D 113 4.05 -18.23 -0.12
C LEU D 113 3.62 -19.49 -0.87
N GLY D 114 4.63 -20.26 -1.31
CA GLY D 114 4.33 -21.52 -1.97
C GLY D 114 3.76 -22.55 -1.02
N VAL D 115 4.14 -22.47 0.26
CA VAL D 115 3.55 -23.34 1.28
C VAL D 115 2.07 -23.04 1.48
N CYS D 116 1.60 -21.89 1.00
CA CYS D 116 0.22 -21.47 1.18
C CYS D 116 -0.67 -21.84 0.00
N ASN D 117 -0.13 -22.46 -1.04
CA ASN D 117 -0.95 -22.93 -2.15
C ASN D 117 -1.55 -24.31 -1.90
N THR D 118 -1.13 -24.99 -0.84
CA THR D 118 -1.70 -26.30 -0.48
C THR D 118 -2.86 -26.11 0.49
N ASN D 119 -2.57 -25.63 1.70
CA ASN D 119 -3.55 -25.43 2.76
C ASN D 119 -3.55 -23.94 3.07
N PRO D 120 -4.36 -23.15 2.36
CA PRO D 120 -4.34 -21.69 2.57
C PRO D 120 -4.77 -21.26 3.98
N HIS D 121 -5.38 -22.14 4.75
CA HIS D 121 -5.85 -21.80 6.09
C HIS D 121 -4.80 -22.04 7.18
N LYS D 122 -3.57 -22.41 6.80
CA LYS D 122 -2.49 -22.49 7.77
C LYS D 122 -2.31 -21.14 8.47
N HIS D 123 -1.86 -21.20 9.73
CA HIS D 123 -1.85 -20.00 10.56
C HIS D 123 -1.02 -18.92 9.92
N ILE D 124 0.11 -19.29 9.36
CA ILE D 124 0.93 -18.24 8.81
C ILE D 124 0.31 -17.66 7.54
N CYS D 125 -0.31 -18.50 6.74
CA CYS D 125 -0.90 -18.03 5.49
C CYS D 125 -2.04 -17.06 5.77
N ARG D 126 -2.81 -17.33 6.82
CA ARG D 126 -3.80 -16.37 7.29
C ARG D 126 -3.13 -15.13 7.88
N CYS D 127 -1.93 -15.27 8.44
CA CYS D 127 -1.27 -14.13 9.06
C CYS D 127 -0.74 -13.16 8.03
N LEU D 128 -0.22 -13.67 6.90
CA LEU D 128 0.24 -12.79 5.84
C LEU D 128 -0.94 -12.30 4.99
N GLU D 129 -1.87 -13.19 4.67
CA GLU D 129 -3.06 -12.82 3.91
C GLU D 129 -3.90 -11.77 4.64
N SER D 130 -4.51 -12.16 5.76
CA SER D 130 -5.48 -11.32 6.44
C SER D 130 -4.88 -10.51 7.59
N MET D 131 -3.61 -10.69 7.91
CA MET D 131 -2.97 -10.05 9.06
C MET D 131 -3.73 -10.35 10.35
N GLN D 132 -4.32 -11.55 10.43
CA GLN D 132 -5.02 -12.01 11.61
C GLN D 132 -4.52 -13.40 11.97
N MET D 133 -4.70 -13.76 13.24
CA MET D 133 -4.18 -15.01 13.80
C MET D 133 -2.68 -15.12 13.56
N CYS D 134 -1.96 -14.06 13.94
CA CYS D 134 -0.52 -14.00 13.83
C CYS D 134 0.20 -14.37 15.12
N THR D 135 -0.54 -14.74 16.17
CA THR D 135 0.05 -14.83 17.50
C THR D 135 1.21 -15.82 17.54
N SER D 136 0.94 -17.07 17.22
CA SER D 136 2.00 -18.05 17.00
C SER D 136 1.74 -18.72 15.66
N THR D 137 2.58 -18.40 14.68
CA THR D 137 2.49 -19.00 13.35
C THR D 137 3.20 -20.34 13.25
N LYS D 138 4.34 -20.48 13.92
CA LYS D 138 5.13 -21.70 13.84
C LYS D 138 4.61 -22.82 14.72
N THR D 139 3.66 -22.53 15.62
CA THR D 139 3.07 -23.60 16.42
C THR D 139 2.05 -24.39 15.62
N ASP D 140 1.27 -23.70 14.80
CA ASP D 140 0.16 -24.33 14.08
C ASP D 140 0.67 -24.91 12.78
N HIS D 141 0.47 -26.22 12.60
CA HIS D 141 0.76 -26.95 11.37
C HIS D 141 2.25 -27.15 11.12
N ALA D 142 3.10 -26.76 12.08
CA ALA D 142 4.56 -26.89 11.96
C ALA D 142 4.99 -28.23 11.37
N ARG D 143 4.32 -29.32 11.77
CA ARG D 143 4.61 -30.64 11.20
C ARG D 143 4.50 -30.61 9.68
N GLU D 144 3.37 -30.14 9.16
CA GLU D 144 3.15 -30.09 7.71
C GLU D 144 4.19 -29.24 7.02
N MET D 145 4.44 -28.04 7.55
CA MET D 145 5.47 -27.17 6.98
C MET D 145 6.85 -27.80 7.12
N SER D 146 7.10 -28.47 8.25
CA SER D 146 8.39 -29.14 8.44
C SER D 146 8.65 -30.15 7.35
N ILE D 147 7.64 -30.96 6.99
CA ILE D 147 7.82 -31.93 5.92
C ILE D 147 7.92 -31.23 4.57
N TYR D 148 7.13 -30.16 4.37
CA TYR D 148 7.11 -29.49 3.08
C TYR D 148 8.46 -28.86 2.75
N TYR D 149 9.08 -28.20 3.72
CA TYR D 149 10.35 -27.51 3.46
C TYR D 149 11.55 -28.45 3.48
N ASP D 150 11.49 -29.53 4.27
CA ASP D 150 12.65 -30.40 4.42
C ASP D 150 12.93 -31.18 3.16
N GLY D 151 14.21 -31.27 2.79
CA GLY D 151 14.65 -32.07 1.67
C GLY D 151 14.50 -31.42 0.31
N HIS D 152 13.87 -30.26 0.23
CA HIS D 152 13.67 -29.57 -1.05
C HIS D 152 14.40 -28.24 -1.06
N PRO D 153 15.50 -28.10 -1.81
CA PRO D 153 16.19 -26.80 -1.84
C PRO D 153 15.38 -25.70 -2.52
N ASP D 154 14.72 -26.00 -3.63
CA ASP D 154 14.09 -24.94 -4.43
C ASP D 154 12.82 -24.41 -3.76
N ARG D 155 11.92 -25.32 -3.36
CA ARG D 155 10.69 -24.91 -2.69
C ARG D 155 10.98 -24.10 -1.43
N PHE D 156 12.15 -24.33 -0.81
CA PHE D 156 12.58 -23.57 0.35
C PHE D 156 13.17 -22.22 -0.03
N GLU D 157 13.99 -22.18 -1.09
CA GLU D 157 14.61 -20.93 -1.51
C GLU D 157 13.57 -19.92 -2.00
N HIS D 158 12.50 -20.40 -2.61
CA HIS D 158 11.44 -19.50 -3.09
C HIS D 158 10.82 -18.70 -1.94
N ASP D 159 10.26 -19.42 -0.96
CA ASP D 159 9.65 -18.77 0.19
C ASP D 159 10.67 -17.95 0.97
N MET D 160 11.90 -18.46 1.07
CA MET D 160 12.95 -17.70 1.76
C MET D 160 13.19 -16.36 1.08
N LYS D 161 13.20 -16.34 -0.26
CA LYS D 161 13.44 -15.08 -0.96
C LYS D 161 12.31 -14.09 -0.73
N ILE D 162 11.05 -14.56 -0.85
CA ILE D 162 9.93 -13.65 -0.60
C ILE D 162 10.00 -13.08 0.82
N ILE D 163 10.27 -13.95 1.80
CA ILE D 163 10.49 -13.51 3.18
C ILE D 163 11.58 -12.44 3.23
N LEU D 164 12.65 -12.64 2.45
CA LEU D 164 13.74 -11.67 2.44
C LEU D 164 13.29 -10.32 1.91
N ASN D 165 12.34 -10.28 0.97
CA ASN D 165 11.82 -9.00 0.52
C ASN D 165 11.01 -8.30 1.61
N ILE D 166 10.08 -9.03 2.22
CA ILE D 166 9.30 -8.43 3.31
C ILE D 166 10.23 -7.90 4.39
N MET D 167 11.26 -8.67 4.73
CA MET D 167 12.23 -8.19 5.72
C MET D 167 13.01 -6.97 5.21
N ARG D 168 13.26 -6.90 3.89
CA ARG D 168 13.84 -5.69 3.33
C ARG D 168 12.98 -4.48 3.67
N TYR D 169 11.66 -4.67 3.70
CA TYR D 169 10.80 -3.56 4.12
C TYR D 169 10.71 -3.41 5.63
N ILE D 170 11.11 -4.42 6.41
CA ILE D 170 11.06 -4.25 7.87
C ILE D 170 12.27 -3.47 8.37
N VAL D 171 13.46 -3.72 7.83
CA VAL D 171 14.66 -3.02 8.32
C VAL D 171 15.30 -2.22 7.19
N PRO D 172 14.87 -0.97 6.99
CA PRO D 172 15.44 -0.15 5.91
C PRO D 172 16.88 0.26 6.22
N GLY D 173 17.55 0.76 5.19
CA GLY D 173 18.95 1.13 5.33
C GLY D 173 19.83 -0.09 5.33
N LEU D 174 20.78 -0.13 6.26
CA LEU D 174 21.77 -1.21 6.31
C LEU D 174 21.10 -2.58 6.23
N GLY D 175 20.04 -2.78 7.02
CA GLY D 175 19.35 -4.06 6.97
C GLY D 175 19.03 -4.49 5.56
N ARG D 176 18.40 -3.59 4.79
CA ARG D 176 18.06 -3.90 3.41
C ARG D 176 19.27 -4.45 2.66
N VAL D 177 20.39 -3.72 2.69
CA VAL D 177 21.53 -4.14 1.88
C VAL D 177 22.00 -5.52 2.34
N LEU D 178 22.02 -5.75 3.65
CA LEU D 178 22.43 -7.06 4.16
C LEU D 178 21.50 -8.13 3.62
N LEU D 179 20.19 -7.85 3.67
CA LEU D 179 19.23 -8.80 3.13
C LEU D 179 19.48 -9.04 1.64
N ASP D 180 19.78 -7.97 0.90
CA ASP D 180 20.13 -8.14 -0.50
C ASP D 180 21.29 -9.11 -0.64
N GLN D 181 22.32 -8.93 0.20
CA GLN D 181 23.45 -9.85 0.20
C GLN D 181 22.97 -11.29 0.28
N ILE D 182 22.08 -11.58 1.23
CA ILE D 182 21.49 -12.92 1.35
C ILE D 182 21.01 -13.40 -0.02
N LYS D 183 20.07 -12.66 -0.60
CA LYS D 183 19.47 -13.06 -1.88
C LYS D 183 20.54 -13.38 -2.92
N GLN D 184 21.63 -12.60 -2.94
CA GLN D 184 22.66 -12.88 -3.93
C GLN D 184 23.57 -14.01 -3.50
N THR D 185 23.98 -14.02 -2.23
CA THR D 185 24.91 -15.06 -1.79
C THR D 185 24.23 -16.38 -1.50
N LYS D 186 22.90 -16.37 -1.39
CA LYS D 186 22.11 -17.57 -1.09
C LYS D 186 22.65 -18.30 0.14
N ASP D 187 23.19 -17.53 1.09
CA ASP D 187 23.48 -18.03 2.44
C ASP D 187 22.35 -17.52 3.30
N TYR D 188 21.43 -18.40 3.65
CA TYR D 188 20.19 -18.01 4.31
C TYR D 188 20.27 -18.10 5.83
N GLN D 189 21.31 -18.73 6.39
CA GLN D 189 21.41 -18.84 7.83
C GLN D 189 21.91 -17.55 8.46
N ALA D 190 22.68 -16.75 7.70
CA ALA D 190 23.10 -15.44 8.20
C ALA D 190 21.91 -14.59 8.60
N LEU D 191 20.74 -14.87 8.02
CA LEU D 191 19.52 -14.13 8.35
C LEU D 191 19.22 -14.16 9.84
N ARG D 192 19.69 -15.20 10.55
CA ARG D 192 19.53 -15.24 12.00
C ARG D 192 19.98 -13.92 12.62
N HIS D 193 21.19 -13.47 12.27
CA HIS D 193 21.74 -12.26 12.86
C HIS D 193 20.82 -11.05 12.65
N ILE D 194 20.08 -11.03 11.55
CA ILE D 194 19.11 -9.96 11.34
C ILE D 194 17.84 -10.23 12.13
N GLN D 195 17.30 -11.45 12.06
CA GLN D 195 15.98 -11.67 12.62
C GLN D 195 16.03 -11.79 14.14
N GLY D 196 17.09 -12.41 14.68
CA GLY D 196 17.22 -12.57 16.10
C GLY D 196 17.14 -11.23 16.80
N LYS D 197 18.02 -10.29 16.42
CA LYS D 197 18.00 -8.96 17.00
C LYS D 197 16.66 -8.26 16.80
N LEU D 198 15.89 -8.67 15.81
CA LEU D 198 14.60 -8.03 15.57
C LEU D 198 13.53 -8.51 16.54
N SER D 199 13.67 -9.74 17.07
CA SER D 199 12.60 -10.30 17.89
C SER D 199 12.43 -9.57 19.23
N PRO D 200 13.47 -9.33 20.03
CA PRO D 200 13.22 -8.73 21.36
C PRO D 200 12.64 -7.33 21.29
N LYS D 201 13.04 -6.53 20.29
CA LYS D 201 12.44 -5.21 20.12
C LYS D 201 10.99 -5.31 19.70
N SER D 202 10.62 -6.36 18.98
CA SER D 202 9.30 -6.50 18.37
C SER D 202 8.30 -7.22 19.27
N GLN D 203 8.67 -7.53 20.52
CA GLN D 203 7.79 -8.33 21.38
C GLN D 203 6.43 -7.68 21.57
N SER D 204 6.36 -6.34 21.55
CA SER D 204 5.09 -5.66 21.70
C SER D 204 4.22 -5.83 20.45
N ASN D 205 4.83 -5.77 19.27
CA ASN D 205 4.09 -5.96 18.03
C ASN D 205 3.74 -7.44 17.86
N LEU D 206 2.45 -7.72 17.70
CA LEU D 206 2.01 -9.11 17.60
C LEU D 206 2.29 -9.69 16.22
N GLN D 207 1.91 -8.98 15.15
CA GLN D 207 2.09 -9.51 13.81
C GLN D 207 3.56 -9.61 13.44
N LEU D 208 4.34 -8.59 13.81
CA LEU D 208 5.78 -8.65 13.57
C LEU D 208 6.42 -9.79 14.34
N LYS D 209 6.01 -9.98 15.60
CA LYS D 209 6.53 -11.10 16.38
C LYS D 209 6.19 -12.43 15.73
N GLY D 210 4.98 -12.57 15.19
CA GLY D 210 4.62 -13.80 14.52
C GLY D 210 5.43 -14.03 13.27
N PHE D 211 5.61 -12.99 12.46
CA PHE D 211 6.44 -13.10 11.26
C PHE D 211 7.86 -13.53 11.62
N LEU D 212 8.45 -12.92 12.66
CA LEU D 212 9.81 -13.24 13.03
C LEU D 212 9.92 -14.65 13.60
N GLU D 213 8.91 -15.08 14.37
CA GLU D 213 8.89 -16.45 14.86
C GLU D 213 8.84 -17.44 13.70
N PHE D 214 8.06 -17.15 12.66
CA PHE D 214 8.02 -18.07 11.53
C PHE D 214 9.34 -18.06 10.76
N VAL D 215 9.93 -16.88 10.57
CA VAL D 215 11.23 -16.84 9.90
C VAL D 215 12.22 -17.69 10.67
N ASP D 216 12.14 -17.63 12.01
CA ASP D 216 12.92 -18.54 12.83
C ASP D 216 12.60 -20.00 12.50
N PHE D 217 11.32 -20.31 12.27
CA PHE D 217 10.95 -21.69 11.99
C PHE D 217 11.49 -22.17 10.65
N ILE D 218 11.26 -21.40 9.58
CA ILE D 218 11.69 -21.79 8.25
C ILE D 218 13.21 -21.76 8.11
N LEU D 219 13.90 -20.94 8.92
CA LEU D 219 15.36 -21.04 8.97
C LEU D 219 15.80 -22.35 9.59
N GLY D 220 15.04 -22.88 10.54
CA GLY D 220 15.36 -24.15 11.15
C GLY D 220 14.95 -25.37 10.37
N ALA D 221 14.54 -25.18 9.11
CA ALA D 221 14.19 -26.32 8.27
C ALA D 221 15.43 -27.18 8.02
N ASN D 222 15.19 -28.45 7.71
CA ASN D 222 16.26 -29.43 7.56
C ASN D 222 16.51 -29.56 6.06
N VAL D 223 17.59 -28.92 5.61
CA VAL D 223 17.97 -28.91 4.21
C VAL D 223 19.43 -28.48 4.14
N THR D 224 20.10 -28.82 3.05
CA THR D 224 21.47 -28.38 2.81
C THR D 224 21.48 -27.54 1.54
N ILE D 225 21.90 -26.29 1.67
CA ILE D 225 21.96 -25.38 0.54
C ILE D 225 23.36 -24.78 0.48
N GLU D 226 23.85 -24.57 -0.74
CA GLU D 226 25.21 -24.10 -0.95
C GLU D 226 25.24 -22.59 -1.12
N LYS D 227 26.14 -21.93 -0.40
CA LYS D 227 26.43 -20.53 -0.67
C LYS D 227 26.94 -20.39 -2.09
N THR D 228 26.51 -19.32 -2.77
CA THR D 228 26.98 -19.00 -4.11
C THR D 228 27.58 -17.60 -4.08
N PRO D 229 28.80 -17.45 -3.57
CA PRO D 229 29.46 -16.13 -3.61
C PRO D 229 29.63 -15.68 -5.05
N GLN D 230 29.68 -14.36 -5.24
CA GLN D 230 29.65 -13.82 -6.58
C GLN D 230 30.99 -14.05 -7.29
N THR D 231 30.91 -14.49 -8.54
CA THR D 231 32.11 -14.71 -9.34
C THR D 231 32.87 -13.40 -9.58
N LEU D 232 32.14 -12.29 -9.72
CA LEU D 232 32.78 -11.01 -9.97
C LEU D 232 33.69 -10.60 -8.82
N THR D 233 33.37 -11.04 -7.61
CA THR D 233 33.96 -10.60 -6.35
C THR D 233 33.60 -9.14 -6.07
N THR D 234 32.94 -8.46 -7.00
CA THR D 234 32.54 -7.07 -6.88
C THR D 234 31.06 -7.00 -6.53
N LEU D 235 30.67 -5.93 -5.84
CA LEU D 235 29.35 -5.81 -5.21
C LEU D 235 29.21 -6.78 -4.04
N SER D 236 30.34 -7.10 -3.41
CA SER D 236 30.42 -7.94 -2.22
C SER D 236 31.13 -7.15 -1.12
N LEU D 237 31.03 -7.65 0.10
CA LEU D 237 31.48 -6.87 1.26
C LEU D 237 33.00 -6.80 1.34
N ILE D 238 33.69 -7.90 1.00
CA ILE D 238 35.13 -7.98 1.23
C ILE D 238 35.87 -6.93 0.41
N GLY D 239 35.66 -6.93 -0.89
CA GLY D 239 36.29 -5.98 -1.78
C GLY D 239 35.72 -6.15 -3.17
N GLY D 240 36.05 -5.24 -4.09
CA GLY D 240 36.74 -4.01 -3.73
C GLY D 240 35.70 -3.02 -3.25
N TRP D 241 36.07 -1.74 -3.18
CA TRP D 241 37.41 -1.29 -3.52
C TRP D 241 37.93 -0.43 -2.39
N SER D 242 37.23 0.68 -2.16
CA SER D 242 37.54 1.62 -1.08
C SER D 242 36.90 1.20 0.23
N HIS D 243 37.62 1.45 1.33
CA HIS D 243 37.12 1.19 2.68
C HIS D 243 37.27 2.45 3.51
N PRO D 244 36.25 3.31 3.52
CA PRO D 244 36.35 4.56 4.30
C PRO D 244 36.27 4.28 5.79
N GLN D 245 37.08 5.00 6.54
CA GLN D 245 37.06 4.96 8.00
C GLN D 245 36.92 6.39 8.50
N PHE D 246 35.78 6.68 9.14
CA PHE D 246 35.50 7.99 9.70
C PHE D 246 35.81 7.95 11.19
N GLU D 247 36.88 8.64 11.58
CA GLU D 247 37.41 8.76 12.95
C GLU D 247 38.89 9.10 12.87
N ASP E 1 -13.68 -11.92 9.02
CA ASP E 1 -12.31 -11.73 8.58
C ASP E 1 -12.14 -10.39 7.86
N ILE E 2 -12.60 -10.34 6.62
CA ILE E 2 -12.53 -9.13 5.80
C ILE E 2 -13.76 -8.28 6.10
N GLN E 3 -13.56 -7.08 6.64
CA GLN E 3 -14.63 -6.27 7.17
C GLN E 3 -15.08 -5.22 6.14
N MET E 4 -16.36 -5.26 5.80
CA MET E 4 -16.96 -4.28 4.90
C MET E 4 -17.74 -3.25 5.71
N THR E 5 -17.50 -1.97 5.46
CA THR E 5 -18.08 -0.89 6.23
C THR E 5 -18.84 0.05 5.30
N GLN E 6 -20.11 0.30 5.61
CA GLN E 6 -20.91 1.28 4.91
C GLN E 6 -20.87 2.59 5.69
N THR E 7 -20.29 3.62 5.07
CA THR E 7 -20.00 4.86 5.79
C THR E 7 -21.26 5.49 6.36
N THR E 8 -22.39 5.36 5.66
CA THR E 8 -23.65 5.91 6.12
C THR E 8 -24.49 4.82 6.77
N SER E 9 -24.73 4.96 8.08
CA SER E 9 -25.55 3.98 8.79
C SER E 9 -27.03 4.19 8.49
N SER E 10 -27.47 5.43 8.42
CA SER E 10 -28.85 5.76 8.09
C SER E 10 -28.87 7.04 7.30
N LEU E 11 -29.82 7.15 6.37
CA LEU E 11 -29.87 8.28 5.46
C LEU E 11 -31.32 8.62 5.16
N SER E 12 -31.61 9.91 5.07
CA SER E 12 -32.92 10.41 4.69
C SER E 12 -32.81 11.32 3.46
N ALA E 13 -33.74 11.17 2.53
CA ALA E 13 -33.81 12.03 1.37
C ALA E 13 -35.24 12.03 0.84
N SER E 14 -35.60 13.10 0.14
CA SER E 14 -36.92 13.25 -0.43
C SER E 14 -37.06 12.44 -1.72
N LEU E 15 -38.28 12.39 -2.24
CA LEU E 15 -38.55 11.75 -3.52
C LEU E 15 -37.99 12.60 -4.67
N GLY E 16 -37.75 11.93 -5.79
CA GLY E 16 -37.20 12.58 -6.96
C GLY E 16 -35.74 12.97 -6.86
N ASP E 17 -35.07 12.66 -5.75
CA ASP E 17 -33.67 13.02 -5.57
C ASP E 17 -32.76 11.98 -6.23
N ARG E 18 -31.46 12.25 -6.18
CA ARG E 18 -30.42 11.37 -6.67
C ARG E 18 -29.58 10.94 -5.48
N VAL E 19 -29.65 9.66 -5.12
CA VAL E 19 -29.09 9.17 -3.87
C VAL E 19 -27.82 8.37 -4.17
N THR E 20 -26.82 8.50 -3.30
CA THR E 20 -25.55 7.79 -3.44
C THR E 20 -25.17 7.15 -2.12
N ILE E 21 -24.80 5.88 -2.16
CA ILE E 21 -24.48 5.10 -0.97
C ILE E 21 -23.06 4.55 -1.13
N SER E 22 -22.25 4.69 -0.08
CA SER E 22 -20.83 4.39 -0.13
C SER E 22 -20.52 3.09 0.59
N CYS E 23 -19.61 2.31 0.00
CA CYS E 23 -19.18 1.03 0.55
C CYS E 23 -17.65 1.00 0.55
N SER E 24 -17.08 0.80 1.74
CA SER E 24 -15.63 0.75 1.95
C SER E 24 -15.21 -0.65 2.39
N ALA E 25 -13.98 -1.01 2.03
CA ALA E 25 -13.45 -2.35 2.26
C ALA E 25 -12.20 -2.31 3.13
N SER E 26 -12.01 -3.39 3.90
CA SER E 26 -10.80 -3.50 4.70
C SER E 26 -9.57 -3.74 3.84
N GLN E 27 -9.72 -4.50 2.76
CA GLN E 27 -8.63 -4.79 1.83
C GLN E 27 -9.11 -4.56 0.40
N GLY E 28 -8.20 -4.74 -0.55
CA GLY E 28 -8.55 -4.59 -1.95
C GLY E 28 -9.48 -5.71 -2.40
N ILE E 29 -10.65 -5.35 -2.93
CA ILE E 29 -11.58 -6.38 -3.40
C ILE E 29 -11.38 -6.77 -4.85
N SER E 30 -10.65 -5.97 -5.63
CA SER E 30 -10.46 -6.23 -7.05
C SER E 30 -11.79 -6.42 -7.77
N TYR E 31 -12.68 -5.44 -7.60
CA TYR E 31 -13.92 -5.26 -8.35
C TYR E 31 -15.04 -6.22 -8.00
N TYR E 32 -14.85 -7.17 -7.06
CA TYR E 32 -15.89 -8.15 -6.79
C TYR E 32 -16.82 -7.58 -5.72
N LEU E 33 -17.98 -7.09 -6.14
CA LEU E 33 -18.89 -6.51 -5.16
C LEU E 33 -20.31 -6.54 -5.71
N ASN E 34 -21.28 -6.67 -4.81
CA ASN E 34 -22.69 -6.75 -5.16
C ASN E 34 -23.50 -5.79 -4.32
N TRP E 35 -24.63 -5.36 -4.88
CA TRP E 35 -25.54 -4.42 -4.23
C TRP E 35 -26.93 -5.02 -4.22
N TYR E 36 -27.55 -5.04 -3.04
CA TYR E 36 -28.86 -5.63 -2.82
C TYR E 36 -29.78 -4.62 -2.17
N GLN E 37 -31.08 -4.76 -2.45
CA GLN E 37 -32.12 -3.96 -1.82
C GLN E 37 -33.00 -4.91 -1.01
N GLN E 38 -33.00 -4.74 0.30
CA GLN E 38 -33.90 -5.45 1.19
C GLN E 38 -35.00 -4.48 1.64
N LYS E 39 -36.23 -4.74 1.21
CA LYS E 39 -37.34 -3.90 1.59
C LYS E 39 -37.65 -4.11 3.07
N PRO E 40 -38.59 -3.32 3.64
CA PRO E 40 -38.90 -3.53 5.07
C PRO E 40 -39.46 -4.89 5.39
N ASP E 41 -40.36 -5.41 4.54
CA ASP E 41 -40.98 -6.70 4.76
C ASP E 41 -39.99 -7.87 4.68
N GLY E 42 -38.76 -7.64 4.24
CA GLY E 42 -37.76 -8.68 4.18
C GLY E 42 -37.43 -9.18 2.80
N THR E 43 -38.14 -8.72 1.76
CA THR E 43 -37.79 -9.13 0.40
C THR E 43 -36.41 -8.59 0.04
N VAL E 44 -35.54 -9.49 -0.42
CA VAL E 44 -34.19 -9.14 -0.83
C VAL E 44 -34.07 -9.40 -2.32
N LYS E 45 -33.65 -8.38 -3.06
CA LYS E 45 -33.52 -8.50 -4.51
C LYS E 45 -32.13 -8.04 -4.90
N LEU E 46 -31.50 -8.79 -5.80
CA LEU E 46 -30.21 -8.36 -6.32
C LEU E 46 -30.39 -7.09 -7.12
N LEU E 47 -29.60 -6.06 -6.79
CA LEU E 47 -29.61 -4.85 -7.60
C LEU E 47 -28.50 -4.89 -8.63
N ILE E 48 -27.26 -4.92 -8.19
CA ILE E 48 -26.10 -4.77 -9.07
C ILE E 48 -25.06 -5.83 -8.75
N TYR E 49 -24.42 -6.34 -9.79
CA TYR E 49 -23.36 -7.33 -9.65
C TYR E 49 -22.14 -6.89 -10.43
N TYR E 50 -20.97 -7.26 -9.92
CA TYR E 50 -19.66 -6.93 -10.51
C TYR E 50 -19.45 -5.42 -10.58
N THR E 51 -20.23 -4.70 -9.78
CA THR E 51 -20.12 -3.28 -9.42
C THR E 51 -20.48 -2.35 -10.56
N SER E 52 -20.18 -2.74 -11.80
CA SER E 52 -20.63 -2.02 -12.98
C SER E 52 -21.97 -2.52 -13.51
N SER E 53 -22.13 -3.83 -13.56
CA SER E 53 -23.19 -4.45 -14.34
C SER E 53 -24.52 -4.35 -13.62
N LEU E 54 -25.58 -4.11 -14.39
CA LEU E 54 -26.92 -3.93 -13.85
C LEU E 54 -27.71 -5.22 -14.04
N HIS E 55 -28.31 -5.71 -12.95
CA HIS E 55 -28.98 -7.00 -12.99
C HIS E 55 -30.20 -6.95 -13.91
N SER E 56 -30.57 -8.12 -14.44
CA SER E 56 -31.72 -8.21 -15.33
C SER E 56 -33.00 -8.00 -14.54
N GLY E 57 -33.81 -7.03 -14.98
CA GLY E 57 -35.07 -6.71 -14.36
C GLY E 57 -35.04 -5.53 -13.42
N VAL E 58 -33.86 -5.18 -12.91
CA VAL E 58 -33.71 -4.01 -12.04
C VAL E 58 -33.87 -2.75 -12.90
N PRO E 59 -34.59 -1.72 -12.44
CA PRO E 59 -34.84 -0.57 -13.30
C PRO E 59 -33.54 0.14 -13.68
N SER E 60 -33.61 0.85 -14.81
CA SER E 60 -32.46 1.56 -15.35
C SER E 60 -32.01 2.72 -14.47
N ARG E 61 -32.76 3.03 -13.41
CA ARG E 61 -32.41 4.14 -12.53
C ARG E 61 -31.22 3.83 -11.65
N PHE E 62 -30.94 2.55 -11.39
CA PHE E 62 -29.83 2.17 -10.52
C PHE E 62 -28.55 2.02 -11.34
N SER E 63 -27.45 2.59 -10.83
CA SER E 63 -26.16 2.47 -11.48
C SER E 63 -25.08 2.29 -10.41
N GLY E 64 -24.24 1.27 -10.59
CA GLY E 64 -23.13 1.03 -9.70
C GLY E 64 -21.83 1.62 -10.24
N SER E 65 -20.89 1.84 -9.33
CA SER E 65 -19.61 2.43 -9.70
C SER E 65 -18.62 2.17 -8.57
N GLY E 66 -17.40 2.64 -8.78
CA GLY E 66 -16.32 2.47 -7.83
C GLY E 66 -15.31 1.43 -8.30
N SER E 67 -14.17 1.43 -7.62
CA SER E 67 -13.10 0.47 -7.88
C SER E 67 -12.23 0.35 -6.63
N GLY E 68 -11.30 -0.58 -6.70
CA GLY E 68 -10.34 -0.72 -5.61
C GLY E 68 -11.03 -1.09 -4.32
N THR E 69 -10.86 -0.25 -3.30
CA THR E 69 -11.48 -0.44 -2.00
C THR E 69 -12.78 0.37 -1.83
N ASP E 70 -13.12 1.24 -2.78
CA ASP E 70 -14.22 2.17 -2.60
C ASP E 70 -15.26 1.98 -3.70
N TYR E 71 -16.52 1.88 -3.31
CA TYR E 71 -17.59 1.61 -4.27
C TYR E 71 -18.81 2.46 -3.93
N SER E 72 -19.61 2.75 -4.96
CA SER E 72 -20.76 3.63 -4.82
C SER E 72 -21.95 3.06 -5.56
N LEU E 73 -23.13 3.20 -4.95
CA LEU E 73 -24.40 2.87 -5.59
C LEU E 73 -25.18 4.16 -5.78
N THR E 74 -25.77 4.33 -6.96
CA THR E 74 -26.42 5.59 -7.33
C THR E 74 -27.83 5.30 -7.83
N ILE E 75 -28.82 5.84 -7.12
CA ILE E 75 -30.20 5.84 -7.58
C ILE E 75 -30.43 7.20 -8.23
N SER E 76 -30.64 7.18 -9.55
CA SER E 76 -30.69 8.42 -10.33
C SER E 76 -31.97 9.20 -10.05
N ASN E 77 -33.11 8.52 -10.13
CA ASN E 77 -34.40 9.11 -9.79
C ASN E 77 -35.04 8.26 -8.71
N LEU E 78 -35.38 8.89 -7.59
CA LEU E 78 -35.90 8.18 -6.43
C LEU E 78 -37.41 8.09 -6.54
N GLU E 79 -37.93 6.87 -6.60
CA GLU E 79 -39.36 6.63 -6.62
C GLU E 79 -39.76 5.88 -5.35
N PRO E 80 -41.02 6.01 -4.90
CA PRO E 80 -41.37 5.56 -3.55
C PRO E 80 -41.11 4.08 -3.27
N GLU E 81 -41.10 3.23 -4.30
CA GLU E 81 -40.84 1.81 -4.09
C GLU E 81 -39.43 1.55 -3.57
N ASP E 82 -38.50 2.47 -3.82
CA ASP E 82 -37.10 2.28 -3.50
C ASP E 82 -36.78 2.41 -2.02
N ILE E 83 -37.74 2.74 -1.17
CA ILE E 83 -37.46 2.91 0.25
C ILE E 83 -37.19 1.55 0.87
N ALA E 84 -35.99 1.38 1.45
CA ALA E 84 -35.49 0.09 1.86
C ALA E 84 -34.09 0.20 2.45
N THR E 85 -33.55 -0.91 2.93
CA THR E 85 -32.19 -0.98 3.42
C THR E 85 -31.31 -1.65 2.35
N TYR E 86 -30.14 -1.06 2.10
CA TYR E 86 -29.29 -1.47 0.99
C TYR E 86 -27.98 -2.05 1.50
N TYR E 87 -27.44 -3.04 0.77
CA TYR E 87 -26.27 -3.76 1.23
C TYR E 87 -25.28 -3.99 0.10
N CYS E 88 -23.99 -4.03 0.45
CA CYS E 88 -22.91 -4.37 -0.46
C CYS E 88 -22.18 -5.61 0.04
N GLN E 89 -21.63 -6.39 -0.89
CA GLN E 89 -21.02 -7.67 -0.59
C GLN E 89 -19.72 -7.83 -1.37
N GLN E 90 -18.68 -8.36 -0.73
CA GLN E 90 -17.43 -8.70 -1.40
C GLN E 90 -17.33 -10.21 -1.50
N TYR E 91 -17.17 -10.72 -2.73
CA TYR E 91 -16.84 -12.12 -2.93
C TYR E 91 -15.36 -12.36 -3.20
N SER E 92 -14.51 -11.33 -3.05
CA SER E 92 -13.08 -11.47 -3.28
C SER E 92 -12.51 -12.70 -2.56
N LYS E 93 -12.78 -12.84 -1.27
CA LYS E 93 -12.29 -13.99 -0.52
C LYS E 93 -13.32 -14.43 0.50
N LEU E 94 -13.49 -15.75 0.62
CA LEU E 94 -14.35 -16.33 1.65
C LEU E 94 -13.67 -16.25 3.02
N PRO E 95 -14.47 -16.07 4.09
CA PRO E 95 -15.94 -15.99 4.07
C PRO E 95 -16.46 -14.65 3.55
N TRP E 96 -17.55 -14.70 2.78
CA TRP E 96 -18.13 -13.48 2.23
C TRP E 96 -18.77 -12.65 3.33
N THR E 97 -18.67 -11.33 3.19
CA THR E 97 -19.19 -10.40 4.18
C THR E 97 -20.06 -9.35 3.50
N PHE E 98 -20.92 -8.72 4.30
CA PHE E 98 -21.85 -7.72 3.82
C PHE E 98 -21.59 -6.38 4.52
N GLY E 99 -22.00 -5.30 3.85
CA GLY E 99 -21.91 -3.99 4.45
C GLY E 99 -22.87 -3.81 5.60
N GLY E 100 -22.61 -2.80 6.42
CA GLY E 100 -23.43 -2.51 7.58
C GLY E 100 -24.87 -2.16 7.23
N GLY E 101 -25.13 -1.76 6.00
CA GLY E 101 -26.47 -1.42 5.55
C GLY E 101 -26.76 0.06 5.64
N THR E 102 -27.55 0.54 4.68
CA THR E 102 -27.94 1.95 4.62
C THR E 102 -29.45 2.00 4.41
N LYS E 103 -30.16 2.55 5.39
CA LYS E 103 -31.62 2.63 5.34
C LYS E 103 -32.04 3.98 4.81
N LEU E 104 -32.96 3.97 3.84
CA LEU E 104 -33.50 5.20 3.27
C LEU E 104 -34.86 5.53 3.88
N GLU E 105 -35.11 6.82 4.07
CA GLU E 105 -36.41 7.32 4.51
C GLU E 105 -36.70 8.64 3.80
N ILE E 106 -37.98 8.98 3.72
CA ILE E 106 -38.44 10.20 3.05
C ILE E 106 -38.71 11.28 4.08
N LYS E 107 -38.30 12.50 3.78
CA LYS E 107 -38.59 13.66 4.62
C LYS E 107 -39.31 14.74 3.81
N GLN F 1 -37.17 -18.48 -12.80
CA GLN F 1 -38.55 -18.52 -12.30
C GLN F 1 -38.61 -19.42 -11.07
N MET F 2 -37.44 -19.84 -10.60
CA MET F 2 -37.34 -20.66 -9.40
C MET F 2 -37.74 -19.87 -8.17
N GLN F 3 -38.07 -20.60 -7.10
CA GLN F 3 -38.35 -19.96 -5.82
C GLN F 3 -37.95 -20.90 -4.69
N LEU F 4 -37.58 -20.33 -3.56
CA LEU F 4 -37.09 -21.08 -2.42
C LEU F 4 -37.92 -20.73 -1.19
N GLN F 5 -38.09 -21.71 -0.30
CA GLN F 5 -38.72 -21.44 0.99
C GLN F 5 -37.94 -22.14 2.09
N GLU F 6 -38.00 -21.56 3.28
CA GLU F 6 -37.37 -22.12 4.47
C GLU F 6 -38.44 -22.68 5.40
N SER F 7 -38.23 -23.92 5.83
CA SER F 7 -39.15 -24.61 6.74
C SER F 7 -38.37 -24.98 8.00
N GLY F 8 -38.82 -24.46 9.14
CA GLY F 8 -38.08 -24.61 10.37
C GLY F 8 -38.94 -24.43 11.59
N PRO F 9 -38.50 -24.97 12.72
CA PRO F 9 -39.20 -24.74 13.99
C PRO F 9 -39.15 -23.27 14.41
N GLY F 10 -40.08 -22.91 15.29
CA GLY F 10 -40.16 -21.54 15.77
C GLY F 10 -38.96 -21.15 16.60
N LEU F 11 -38.59 -22.00 17.56
CA LEU F 11 -37.43 -21.71 18.41
C LEU F 11 -36.86 -23.02 18.94
N VAL F 12 -35.59 -22.98 19.30
CA VAL F 12 -34.93 -24.03 20.05
C VAL F 12 -34.10 -23.38 21.15
N LYS F 13 -34.24 -23.86 22.37
CA LYS F 13 -33.47 -23.34 23.48
C LYS F 13 -32.08 -24.00 23.51
N PRO F 14 -31.11 -23.42 24.27
CA PRO F 14 -29.69 -23.71 24.00
C PRO F 14 -29.24 -25.16 24.16
N SER F 15 -27.94 -25.38 23.90
CA SER F 15 -27.21 -26.64 24.03
C SER F 15 -27.56 -27.70 23.00
N GLN F 16 -28.44 -27.41 22.04
CA GLN F 16 -28.89 -28.41 21.08
C GLN F 16 -28.92 -27.81 19.68
N SER F 17 -29.13 -28.67 18.69
CA SER F 17 -29.06 -28.27 17.29
C SER F 17 -30.30 -27.48 16.85
N LEU F 18 -30.06 -26.56 15.93
CA LEU F 18 -31.12 -25.86 15.20
C LEU F 18 -31.02 -26.28 13.74
N SER F 19 -32.10 -26.86 13.21
CA SER F 19 -32.12 -27.34 11.84
C SER F 19 -33.23 -26.68 11.05
N LEU F 20 -32.94 -26.34 9.79
CA LEU F 20 -33.88 -25.76 8.87
C LEU F 20 -33.73 -26.42 7.50
N THR F 21 -34.83 -26.44 6.76
CA THR F 21 -34.88 -27.10 5.45
C THR F 21 -35.22 -26.07 4.38
N CYS F 22 -34.29 -25.84 3.46
CA CYS F 22 -34.56 -25.02 2.29
C CYS F 22 -35.09 -25.92 1.17
N THR F 23 -36.33 -25.68 0.78
CA THR F 23 -36.97 -26.35 -0.35
C THR F 23 -36.86 -25.44 -1.56
N VAL F 24 -36.27 -25.96 -2.64
CA VAL F 24 -36.05 -25.22 -3.87
C VAL F 24 -36.98 -25.78 -4.95
N THR F 25 -37.81 -24.91 -5.50
CA THR F 25 -38.84 -25.28 -6.47
C THR F 25 -38.52 -24.62 -7.81
N GLY F 26 -38.45 -25.45 -8.85
CA GLY F 26 -38.19 -24.96 -10.19
C GLY F 26 -36.75 -25.00 -10.63
N TYR F 27 -35.87 -25.65 -9.87
CA TYR F 27 -34.45 -25.69 -10.20
C TYR F 27 -33.88 -27.00 -9.69
N SER F 28 -32.72 -27.37 -10.23
CA SER F 28 -32.00 -28.56 -9.82
C SER F 28 -30.74 -28.13 -9.09
N ILE F 29 -30.61 -28.54 -7.82
CA ILE F 29 -29.41 -28.20 -7.06
C ILE F 29 -28.18 -28.83 -7.69
N THR F 30 -28.34 -29.99 -8.33
CA THR F 30 -27.23 -30.64 -9.02
C THR F 30 -26.77 -29.84 -10.23
N SER F 31 -27.70 -29.24 -10.96
CA SER F 31 -27.41 -28.72 -12.29
C SER F 31 -26.32 -27.65 -12.27
N ASP F 32 -26.50 -26.63 -11.44
CA ASP F 32 -25.53 -25.57 -11.36
C ASP F 32 -25.71 -24.78 -10.08
N SER F 33 -24.71 -23.95 -9.81
CA SER F 33 -24.48 -22.98 -8.73
C SER F 33 -24.20 -23.56 -7.35
N ALA F 34 -24.39 -22.71 -6.33
CA ALA F 34 -24.14 -22.99 -4.91
C ALA F 34 -25.34 -22.58 -4.09
N TRP F 35 -25.71 -23.40 -3.12
CA TRP F 35 -26.88 -23.13 -2.29
C TRP F 35 -26.46 -22.71 -0.88
N ASN F 36 -26.96 -21.56 -0.44
CA ASN F 36 -26.41 -20.84 0.70
C ASN F 36 -27.46 -20.61 1.77
N TRP F 37 -26.98 -20.45 3.01
CA TRP F 37 -27.78 -19.96 4.12
C TRP F 37 -27.20 -18.62 4.58
N ILE F 38 -28.07 -17.62 4.76
CA ILE F 38 -27.62 -16.28 5.16
C ILE F 38 -28.52 -15.80 6.27
N ARG F 39 -27.94 -15.57 7.46
CA ARG F 39 -28.72 -15.13 8.60
C ARG F 39 -28.48 -13.65 8.88
N GLN F 40 -29.57 -12.94 9.16
CA GLN F 40 -29.56 -11.53 9.50
C GLN F 40 -29.86 -11.39 10.99
N PHE F 41 -28.88 -10.85 11.72
CA PHE F 41 -28.99 -10.59 13.14
C PHE F 41 -29.87 -9.37 13.40
N PRO F 42 -30.39 -9.21 14.62
CA PRO F 42 -31.12 -7.99 14.94
C PRO F 42 -30.24 -6.76 14.73
N GLY F 43 -30.86 -5.68 14.27
CA GLY F 43 -30.11 -4.54 13.80
C GLY F 43 -29.66 -4.66 12.36
N ASN F 44 -30.14 -5.69 11.64
CA ASN F 44 -29.92 -5.85 10.21
C ASN F 44 -28.45 -6.10 9.88
N LYS F 45 -27.72 -6.79 10.75
CA LYS F 45 -26.34 -7.17 10.48
C LYS F 45 -26.33 -8.55 9.83
N LEU F 46 -25.75 -8.63 8.63
CA LEU F 46 -25.77 -9.85 7.82
C LEU F 46 -24.50 -10.66 7.99
N GLU F 47 -24.64 -11.99 7.95
CA GLU F 47 -23.53 -12.92 8.03
C GLU F 47 -23.77 -14.07 7.07
N TRP F 48 -22.77 -14.36 6.24
CA TRP F 48 -22.85 -15.52 5.35
C TRP F 48 -22.50 -16.78 6.12
N MET F 49 -23.46 -17.70 6.22
CA MET F 49 -23.26 -18.90 7.02
C MET F 49 -22.48 -19.98 6.28
N GLY F 50 -22.83 -20.23 5.03
CA GLY F 50 -22.17 -21.29 4.29
C GLY F 50 -23.02 -21.76 3.13
N TYR F 51 -22.42 -22.65 2.33
CA TYR F 51 -23.06 -23.18 1.14
C TYR F 51 -22.68 -24.63 0.93
N ILE F 52 -23.55 -25.34 0.21
CA ILE F 52 -23.24 -26.61 -0.41
C ILE F 52 -23.38 -26.43 -1.92
N SER F 53 -22.37 -26.88 -2.66
CA SER F 53 -22.31 -26.61 -4.10
C SER F 53 -23.26 -27.53 -4.87
N TYR F 54 -23.25 -27.36 -6.19
CA TYR F 54 -24.02 -28.25 -7.06
C TYR F 54 -23.41 -29.64 -7.11
N SER F 55 -22.09 -29.74 -6.93
CA SER F 55 -21.38 -31.00 -7.01
C SER F 55 -21.21 -31.68 -5.66
N GLY F 56 -21.68 -31.06 -4.58
CA GLY F 56 -21.56 -31.63 -3.25
C GLY F 56 -20.47 -31.03 -2.39
N SER F 57 -19.75 -30.02 -2.89
CA SER F 57 -18.77 -29.34 -2.07
C SER F 57 -19.46 -28.54 -0.98
N THR F 58 -18.79 -28.44 0.18
CA THR F 58 -19.31 -27.71 1.31
C THR F 58 -18.29 -26.66 1.73
N SER F 59 -18.76 -25.44 2.00
CA SER F 59 -17.90 -24.39 2.51
C SER F 59 -18.64 -23.61 3.58
N TYR F 60 -18.00 -23.47 4.74
CA TYR F 60 -18.62 -22.80 5.88
C TYR F 60 -17.79 -21.59 6.28
N ASN F 61 -18.49 -20.56 6.75
CA ASN F 61 -17.83 -19.44 7.39
C ASN F 61 -17.02 -19.96 8.58
N PRO F 62 -15.72 -19.66 8.65
CA PRO F 62 -14.92 -20.17 9.78
C PRO F 62 -15.46 -19.77 11.15
N SER F 63 -16.30 -18.74 11.22
CA SER F 63 -16.93 -18.37 12.48
C SER F 63 -17.76 -19.51 13.05
N LEU F 64 -18.56 -20.16 12.21
CA LEU F 64 -19.45 -21.24 12.63
C LEU F 64 -18.88 -22.63 12.37
N LYS F 65 -17.68 -22.73 11.78
CA LYS F 65 -17.26 -23.95 11.10
C LYS F 65 -17.24 -25.18 12.01
N SER F 66 -17.11 -25.01 13.32
CA SER F 66 -17.04 -26.17 14.21
C SER F 66 -18.39 -26.88 14.30
N ARG F 67 -19.44 -26.15 14.63
CA ARG F 67 -20.73 -26.74 14.94
C ARG F 67 -21.69 -26.80 13.76
N ILE F 68 -21.35 -26.18 12.62
CA ILE F 68 -22.27 -26.07 11.50
C ILE F 68 -22.13 -27.28 10.58
N SER F 69 -23.26 -27.73 10.04
CA SER F 69 -23.30 -28.78 9.04
C SER F 69 -24.39 -28.45 8.04
N ILE F 70 -24.10 -28.65 6.76
CA ILE F 70 -25.05 -28.37 5.68
C ILE F 70 -25.15 -29.61 4.81
N THR F 71 -26.33 -30.22 4.76
CA THR F 71 -26.56 -31.40 3.94
C THR F 71 -27.54 -31.05 2.83
N ARG F 72 -27.88 -32.06 2.02
CA ARG F 72 -28.86 -31.90 0.97
C ARG F 72 -29.47 -33.26 0.65
N ASP F 73 -30.68 -33.24 0.12
CA ASP F 73 -31.27 -34.42 -0.50
C ASP F 73 -31.56 -34.07 -1.95
N THR F 74 -30.80 -34.71 -2.85
CA THR F 74 -31.00 -34.51 -4.29
C THR F 74 -32.35 -35.07 -4.74
N SER F 75 -32.84 -36.10 -4.07
CA SER F 75 -34.11 -36.73 -4.41
C SER F 75 -35.25 -35.71 -4.36
N LYS F 76 -35.55 -35.21 -3.17
CA LYS F 76 -36.61 -34.22 -3.02
C LYS F 76 -36.13 -32.80 -3.28
N ASN F 77 -34.87 -32.63 -3.70
CA ASN F 77 -34.32 -31.33 -4.09
C ASN F 77 -34.41 -30.33 -2.94
N GLN F 78 -33.82 -30.70 -1.81
CA GLN F 78 -33.76 -29.85 -0.64
C GLN F 78 -32.33 -29.73 -0.15
N PHE F 79 -32.08 -28.74 0.70
CA PHE F 79 -30.80 -28.74 1.41
C PHE F 79 -31.01 -28.12 2.80
N PHE F 80 -30.29 -28.66 3.78
CA PHE F 80 -30.59 -28.47 5.18
C PHE F 80 -29.42 -27.83 5.91
N LEU F 81 -29.73 -26.88 6.80
CA LEU F 81 -28.77 -26.27 7.69
C LEU F 81 -28.99 -26.79 9.11
N GLN F 82 -27.91 -27.21 9.76
CA GLN F 82 -27.95 -27.56 11.18
C GLN F 82 -26.80 -26.87 11.87
N LEU F 83 -27.13 -25.95 12.77
CA LEU F 83 -26.17 -25.25 13.61
C LEU F 83 -26.33 -25.81 15.02
N ASN F 84 -25.32 -26.54 15.49
CA ASN F 84 -25.47 -27.27 16.73
C ASN F 84 -25.06 -26.40 17.92
N SER F 85 -25.27 -26.95 19.12
CA SER F 85 -24.90 -26.29 20.38
C SER F 85 -25.34 -24.82 20.38
N VAL F 86 -26.62 -24.60 20.06
CA VAL F 86 -27.10 -23.23 19.89
C VAL F 86 -27.04 -22.48 21.22
N THR F 87 -26.96 -21.17 21.12
CA THR F 87 -26.97 -20.28 22.26
C THR F 87 -27.92 -19.12 21.96
N THR F 88 -28.12 -18.25 22.95
CA THR F 88 -28.95 -17.07 22.77
C THR F 88 -28.38 -16.11 21.74
N GLU F 89 -27.10 -16.27 21.39
CA GLU F 89 -26.48 -15.41 20.37
C GLU F 89 -27.01 -15.72 18.97
N ASP F 90 -27.40 -16.97 18.71
CA ASP F 90 -27.79 -17.42 17.38
C ASP F 90 -29.16 -16.91 16.90
N THR F 91 -29.92 -16.21 17.75
CA THR F 91 -31.23 -15.71 17.36
C THR F 91 -31.12 -14.79 16.15
N ALA F 92 -31.91 -15.08 15.10
CA ALA F 92 -31.80 -14.33 13.86
C ALA F 92 -32.85 -14.74 12.82
N THR F 93 -32.88 -14.03 11.70
CA THR F 93 -33.70 -14.39 10.55
C THR F 93 -32.83 -15.14 9.54
N TYR F 94 -33.22 -16.37 9.21
CA TYR F 94 -32.41 -17.23 8.37
C TYR F 94 -33.03 -17.29 6.97
N TYR F 95 -32.24 -16.90 5.97
CA TYR F 95 -32.60 -17.06 4.57
C TYR F 95 -31.82 -18.23 3.97
N CYS F 96 -32.22 -18.61 2.76
CA CYS F 96 -31.47 -19.55 1.93
C CYS F 96 -31.55 -19.06 0.50
N THR F 97 -30.40 -18.90 -0.14
CA THR F 97 -30.33 -18.25 -1.44
C THR F 97 -29.50 -19.12 -2.39
N ARG F 98 -29.38 -18.65 -3.62
CA ARG F 98 -28.58 -19.32 -4.64
C ARG F 98 -27.48 -18.36 -5.08
N TRP F 99 -26.24 -18.74 -4.81
CA TRP F 99 -25.06 -18.04 -5.34
C TRP F 99 -24.67 -18.71 -6.65
N GLY F 100 -24.78 -17.96 -7.76
CA GLY F 100 -24.44 -18.53 -9.04
C GLY F 100 -22.93 -18.67 -9.22
N ASP F 101 -22.50 -19.86 -9.62
CA ASP F 101 -21.16 -20.01 -10.16
C ASP F 101 -21.16 -19.53 -11.61
N GLY F 102 -20.00 -19.08 -12.07
CA GLY F 102 -19.94 -18.29 -13.29
C GLY F 102 -20.34 -18.99 -14.57
N TYR F 103 -20.80 -20.24 -14.46
CA TYR F 103 -21.02 -21.05 -15.66
C TYR F 103 -22.32 -20.68 -16.38
N TYR F 104 -23.47 -20.93 -15.75
CA TYR F 104 -24.74 -20.56 -16.37
C TYR F 104 -25.16 -19.12 -16.12
N LEU F 105 -24.76 -18.53 -15.00
CA LEU F 105 -25.03 -17.13 -14.71
C LEU F 105 -23.98 -16.62 -13.73
N TYR F 106 -23.82 -15.30 -13.68
CA TYR F 106 -22.64 -14.72 -13.06
C TYR F 106 -22.68 -14.89 -11.54
N TRP F 107 -21.62 -14.42 -10.88
CA TRP F 107 -21.47 -14.59 -9.44
C TRP F 107 -22.21 -13.49 -8.70
N TYR F 108 -23.22 -13.89 -7.94
CA TYR F 108 -24.05 -13.00 -7.13
C TYR F 108 -25.09 -13.88 -6.45
N PHE F 109 -25.85 -13.27 -5.55
CA PHE F 109 -27.00 -13.93 -4.93
C PHE F 109 -28.24 -13.53 -5.73
N ASP F 110 -28.82 -14.50 -6.43
CA ASP F 110 -29.86 -14.21 -7.42
C ASP F 110 -31.25 -14.24 -6.78
N VAL F 111 -31.68 -15.40 -6.29
CA VAL F 111 -33.01 -15.59 -5.73
C VAL F 111 -32.86 -15.78 -4.23
N TRP F 112 -33.69 -15.09 -3.45
CA TRP F 112 -33.63 -15.13 -2.00
C TRP F 112 -34.95 -15.65 -1.43
N GLY F 113 -34.86 -16.43 -0.36
CA GLY F 113 -36.04 -16.87 0.34
C GLY F 113 -36.67 -15.75 1.15
N ALA F 114 -37.87 -16.03 1.67
CA ALA F 114 -38.55 -15.05 2.51
C ALA F 114 -37.94 -14.95 3.90
N GLY F 115 -37.29 -16.00 4.36
CA GLY F 115 -36.64 -15.97 5.65
C GLY F 115 -37.53 -16.50 6.75
N THR F 116 -36.90 -17.11 7.75
CA THR F 116 -37.61 -17.61 8.93
C THR F 116 -36.89 -17.13 10.18
N THR F 117 -37.64 -16.50 11.09
CA THR F 117 -37.07 -15.95 12.31
C THR F 117 -37.04 -17.05 13.37
N VAL F 118 -35.84 -17.45 13.78
CA VAL F 118 -35.67 -18.47 14.80
C VAL F 118 -34.94 -17.87 15.99
N THR F 119 -35.38 -18.24 17.19
CA THR F 119 -35.01 -17.60 18.44
C THR F 119 -34.51 -18.65 19.42
N VAL F 120 -33.71 -18.20 20.39
CA VAL F 120 -33.23 -19.02 21.49
C VAL F 120 -33.48 -18.23 22.77
N SER F 121 -34.06 -18.88 23.79
CA SER F 121 -34.46 -18.16 24.99
C SER F 121 -34.10 -18.99 26.23
N SER F 122 -34.35 -18.38 27.39
CA SER F 122 -34.09 -18.95 28.72
C SER F 122 -32.89 -19.90 28.79
#